data_2DYD
#
_entry.id   2DYD
#
_entity_poly.entity_id   1
_entity_poly.type   'polypeptide(L)'
_entity_poly.pdbx_seq_one_letter_code
;GPLGSPIGALASALANSPPETQRMMLGENLYPLVDQLEHDQAAKVTGMLLEMDQTEVLHLLESPDALKAKVAEAMEVLRS
AQQHT
;
_entity_poly.pdbx_strand_id   A
#
# COMPACT_ATOMS: atom_id res chain seq x y z
N GLY A 1 19.62 19.48 15.06
CA GLY A 1 18.43 19.10 14.25
C GLY A 1 18.55 17.71 13.67
N PRO A 2 19.26 17.55 12.54
CA PRO A 2 19.44 16.24 11.89
C PRO A 2 20.36 15.32 12.69
N LEU A 3 20.02 14.04 12.72
CA LEU A 3 20.82 13.06 13.45
C LEU A 3 21.72 12.28 12.50
N GLY A 4 21.12 11.75 11.43
CA GLY A 4 21.89 10.99 10.47
C GLY A 4 22.12 11.76 9.18
N SER A 5 21.25 11.56 8.20
CA SER A 5 21.37 12.24 6.92
C SER A 5 20.72 13.62 6.98
N PRO A 6 21.23 14.59 6.19
CA PRO A 6 20.71 15.95 6.16
C PRO A 6 19.21 15.98 5.88
N ILE A 7 18.81 15.51 4.70
CA ILE A 7 17.41 15.49 4.32
C ILE A 7 16.64 14.45 5.12
N GLY A 8 15.32 14.53 5.07
CA GLY A 8 14.48 13.59 5.79
C GLY A 8 14.54 13.80 7.29
N ALA A 9 15.71 13.56 7.87
CA ALA A 9 15.89 13.72 9.31
C ALA A 9 15.59 15.16 9.74
N LEU A 10 15.99 16.11 8.90
CA LEU A 10 15.77 17.52 9.19
C LEU A 10 14.28 17.86 9.19
N ALA A 11 13.57 17.32 8.20
CA ALA A 11 12.14 17.57 8.07
C ALA A 11 11.38 16.27 7.84
N SER A 12 10.38 16.02 8.69
CA SER A 12 9.56 14.82 8.58
C SER A 12 8.76 14.82 7.28
N ALA A 13 8.33 16.00 6.85
CA ALA A 13 7.56 16.14 5.63
C ALA A 13 8.35 15.66 4.41
N LEU A 14 9.66 15.81 4.47
CA LEU A 14 10.53 15.40 3.38
C LEU A 14 10.38 13.91 3.09
N ALA A 15 10.25 13.13 4.16
CA ALA A 15 10.10 11.68 4.03
C ALA A 15 8.70 11.32 3.54
N ASN A 16 7.73 12.17 3.86
CA ASN A 16 6.34 11.93 3.45
C ASN A 16 6.18 12.12 1.94
N SER A 17 6.80 11.23 1.18
CA SER A 17 6.72 11.29 -0.28
C SER A 17 5.34 10.86 -0.77
N PRO A 18 4.99 11.22 -2.02
CA PRO A 18 3.69 10.87 -2.59
C PRO A 18 3.30 9.42 -2.32
N PRO A 19 1.99 9.13 -2.29
CA PRO A 19 1.49 7.77 -2.03
C PRO A 19 1.98 6.76 -3.07
N GLU A 20 2.05 7.19 -4.33
CA GLU A 20 2.51 6.32 -5.40
C GLU A 20 4.00 6.03 -5.26
N THR A 21 4.75 7.06 -4.91
CA THR A 21 6.19 6.93 -4.74
C THR A 21 6.49 5.97 -3.60
N GLN A 22 5.81 6.18 -2.49
CA GLN A 22 5.97 5.30 -1.34
C GLN A 22 5.39 3.95 -1.68
N ARG A 23 4.21 3.97 -2.29
CA ARG A 23 3.50 2.78 -2.66
C ARG A 23 4.43 1.59 -2.79
N MET A 24 5.02 1.44 -3.96
CA MET A 24 5.95 0.35 -4.17
C MET A 24 7.14 0.44 -3.22
N MET A 25 7.59 1.65 -2.89
CA MET A 25 8.74 1.80 -2.00
C MET A 25 8.53 1.13 -0.64
N LEU A 26 7.41 1.42 0.04
CA LEU A 26 7.16 0.77 1.32
C LEU A 26 6.85 -0.70 1.08
N GLY A 27 5.94 -0.98 0.13
CA GLY A 27 5.63 -2.33 -0.21
C GLY A 27 6.89 -3.07 -0.59
N GLU A 28 7.87 -2.37 -1.10
CA GLU A 28 9.12 -3.02 -1.44
C GLU A 28 9.66 -3.73 -0.19
N ASN A 29 9.65 -3.02 0.93
CA ASN A 29 10.14 -3.58 2.19
C ASN A 29 9.01 -4.20 3.02
N LEU A 30 7.95 -3.45 3.22
CA LEU A 30 6.83 -3.94 4.01
C LEU A 30 5.94 -4.91 3.23
N TYR A 31 5.76 -4.70 1.92
CA TYR A 31 4.93 -5.63 1.13
C TYR A 31 5.47 -7.03 1.32
N PRO A 32 6.79 -7.26 1.20
CA PRO A 32 7.31 -8.59 1.43
C PRO A 32 6.86 -9.07 2.81
N LEU A 33 6.72 -8.13 3.73
CA LEU A 33 6.24 -8.47 5.06
C LEU A 33 4.74 -8.68 5.02
N VAL A 34 4.06 -7.72 4.39
CA VAL A 34 2.63 -7.78 4.23
C VAL A 34 2.25 -8.78 3.18
N ASP A 35 2.90 -8.66 2.01
CA ASP A 35 2.69 -9.59 0.90
C ASP A 35 2.27 -10.97 1.41
N GLN A 36 0.98 -11.14 1.67
CA GLN A 36 0.47 -12.40 2.19
C GLN A 36 0.76 -13.57 1.25
N LEU A 37 0.39 -13.41 -0.02
CA LEU A 37 0.63 -14.46 -1.01
C LEU A 37 1.66 -14.03 -2.04
N GLU A 38 1.68 -14.72 -3.18
CA GLU A 38 2.62 -14.41 -4.24
C GLU A 38 2.22 -13.09 -4.92
N HIS A 39 3.22 -12.32 -5.31
CA HIS A 39 3.02 -11.02 -5.96
C HIS A 39 1.84 -11.06 -6.95
N ASP A 40 1.55 -12.22 -7.52
CA ASP A 40 0.44 -12.36 -8.47
C ASP A 40 -0.76 -11.53 -8.04
N GLN A 41 -1.45 -12.00 -7.00
CA GLN A 41 -2.59 -11.28 -6.46
C GLN A 41 -2.21 -10.58 -5.17
N ALA A 42 -1.16 -11.07 -4.52
CA ALA A 42 -0.67 -10.51 -3.28
C ALA A 42 -0.16 -9.09 -3.47
N ALA A 43 0.60 -8.89 -4.55
CA ALA A 43 1.15 -7.58 -4.87
C ALA A 43 0.04 -6.58 -5.13
N LYS A 44 -1.07 -7.05 -5.68
CA LYS A 44 -2.18 -6.18 -5.99
C LYS A 44 -2.88 -5.68 -4.72
N VAL A 45 -3.23 -6.57 -3.82
CA VAL A 45 -3.94 -6.15 -2.61
C VAL A 45 -3.05 -5.40 -1.61
N THR A 46 -1.90 -5.98 -1.27
CA THR A 46 -1.02 -5.36 -0.27
C THR A 46 -0.31 -4.10 -0.74
N GLY A 47 0.38 -4.19 -1.86
CA GLY A 47 1.12 -3.06 -2.36
C GLY A 47 0.30 -1.98 -3.07
N MET A 48 -0.82 -2.36 -3.70
CA MET A 48 -1.64 -1.38 -4.42
C MET A 48 -2.26 -0.36 -3.47
N LEU A 49 -2.85 -0.84 -2.39
CA LEU A 49 -3.46 0.02 -1.40
C LEU A 49 -2.45 1.01 -0.84
N LEU A 50 -1.18 0.74 -1.05
CA LEU A 50 -0.12 1.59 -0.56
C LEU A 50 -0.29 3.03 -1.03
N GLU A 51 -1.03 3.23 -2.12
CA GLU A 51 -1.26 4.57 -2.64
C GLU A 51 -2.76 4.85 -2.78
N MET A 52 -3.57 3.81 -2.80
CA MET A 52 -5.03 3.98 -2.92
C MET A 52 -5.56 4.80 -1.76
N ASP A 53 -5.54 4.22 -0.57
CA ASP A 53 -6.03 4.91 0.62
C ASP A 53 -4.92 5.03 1.67
N GLN A 54 -4.79 6.21 2.26
CA GLN A 54 -3.78 6.45 3.29
C GLN A 54 -3.96 5.51 4.47
N THR A 55 -5.21 5.28 4.84
CA THR A 55 -5.53 4.39 5.94
C THR A 55 -5.22 2.94 5.55
N GLU A 56 -5.48 2.61 4.29
CA GLU A 56 -5.23 1.26 3.79
C GLU A 56 -3.73 1.01 3.64
N VAL A 57 -3.00 1.98 3.08
CA VAL A 57 -1.56 1.81 2.92
C VAL A 57 -0.91 1.54 4.27
N LEU A 58 -1.29 2.32 5.25
CA LEU A 58 -0.77 2.17 6.60
C LEU A 58 -1.19 0.84 7.19
N HIS A 59 -2.48 0.52 7.03
CA HIS A 59 -3.04 -0.72 7.57
C HIS A 59 -2.59 -1.96 6.81
N LEU A 60 -2.66 -1.93 5.48
CA LEU A 60 -2.32 -3.10 4.67
C LEU A 60 -0.85 -3.48 4.74
N LEU A 61 0.05 -2.51 4.64
CA LEU A 61 1.49 -2.80 4.69
C LEU A 61 2.03 -2.71 6.12
N GLU A 62 1.21 -3.13 7.08
CA GLU A 62 1.61 -3.11 8.49
C GLU A 62 0.84 -4.13 9.31
N SER A 63 -0.47 -4.21 9.09
CA SER A 63 -1.31 -5.15 9.85
C SER A 63 -1.84 -6.27 8.95
N PRO A 64 -2.07 -7.46 9.54
CA PRO A 64 -2.59 -8.62 8.81
C PRO A 64 -4.08 -8.50 8.54
N ASP A 65 -4.84 -8.10 9.57
CA ASP A 65 -6.28 -7.94 9.45
C ASP A 65 -6.61 -6.98 8.30
N ALA A 66 -5.67 -6.09 8.02
CA ALA A 66 -5.83 -5.11 6.95
C ALA A 66 -5.93 -5.82 5.60
N LEU A 67 -5.20 -6.91 5.46
CA LEU A 67 -5.18 -7.70 4.23
C LEU A 67 -6.55 -8.26 3.89
N LYS A 68 -7.21 -8.84 4.88
CA LYS A 68 -8.53 -9.45 4.68
C LYS A 68 -9.50 -8.46 4.04
N ALA A 69 -9.38 -7.20 4.42
CA ALA A 69 -10.27 -6.16 3.92
C ALA A 69 -10.12 -5.89 2.42
N LYS A 70 -8.88 -5.65 2.01
CA LYS A 70 -8.60 -5.34 0.61
C LYS A 70 -8.55 -6.59 -0.25
N VAL A 71 -8.02 -7.66 0.32
CA VAL A 71 -7.90 -8.91 -0.43
C VAL A 71 -9.25 -9.39 -0.93
N ALA A 72 -10.25 -9.39 -0.06
CA ALA A 72 -11.58 -9.83 -0.43
C ALA A 72 -12.13 -9.00 -1.59
N GLU A 73 -11.99 -7.69 -1.49
CA GLU A 73 -12.48 -6.77 -2.52
C GLU A 73 -11.60 -6.83 -3.78
N ALA A 74 -10.29 -6.71 -3.59
CA ALA A 74 -9.36 -6.73 -4.71
C ALA A 74 -9.34 -8.08 -5.42
N MET A 75 -9.15 -9.15 -4.65
CA MET A 75 -9.11 -10.49 -5.23
C MET A 75 -10.39 -10.81 -5.98
N GLU A 76 -11.47 -10.10 -5.66
CA GLU A 76 -12.75 -10.32 -6.32
C GLU A 76 -12.72 -9.85 -7.77
N VAL A 77 -12.09 -8.70 -8.00
CA VAL A 77 -12.01 -8.13 -9.34
C VAL A 77 -11.00 -8.87 -10.21
N LEU A 78 -9.91 -9.33 -9.62
CA LEU A 78 -8.88 -10.05 -10.37
C LEU A 78 -9.20 -11.53 -10.52
N ARG A 79 -9.15 -12.26 -9.40
CA ARG A 79 -9.43 -13.68 -9.40
C ARG A 79 -10.85 -13.96 -9.91
N SER A 80 -11.77 -13.04 -9.64
CA SER A 80 -13.16 -13.20 -10.08
C SER A 80 -13.51 -12.19 -11.16
N ALA A 81 -14.66 -12.40 -11.81
CA ALA A 81 -15.11 -11.50 -12.86
C ALA A 81 -15.19 -10.06 -12.38
N GLN A 82 -15.18 -9.12 -13.32
CA GLN A 82 -15.26 -7.71 -12.99
C GLN A 82 -16.70 -7.21 -13.08
N GLN A 83 -17.26 -6.84 -11.94
CA GLN A 83 -18.64 -6.35 -11.88
C GLN A 83 -19.60 -7.32 -12.57
N HIS A 84 -20.88 -6.97 -12.57
CA HIS A 84 -21.89 -7.81 -13.20
C HIS A 84 -22.43 -7.16 -14.47
N THR A 85 -23.05 -7.97 -15.32
CA THR A 85 -23.61 -7.47 -16.58
C THR A 85 -24.81 -6.57 -16.33
N GLY A 1 15.35 29.93 6.84
CA GLY A 1 15.87 28.71 7.53
C GLY A 1 14.78 27.94 8.25
N PRO A 2 14.92 26.60 8.36
CA PRO A 2 13.93 25.77 9.04
C PRO A 2 13.60 26.27 10.44
N LEU A 3 12.64 25.61 11.09
CA LEU A 3 12.23 25.99 12.44
C LEU A 3 12.17 24.77 13.35
N GLY A 4 13.09 23.85 13.16
CA GLY A 4 13.12 22.65 13.97
C GLY A 4 13.79 21.49 13.26
N SER A 5 13.08 20.89 12.31
CA SER A 5 13.62 19.76 11.56
C SER A 5 13.99 20.19 10.13
N PRO A 6 15.20 19.82 9.66
CA PRO A 6 15.66 20.17 8.31
C PRO A 6 14.74 19.62 7.23
N ILE A 7 14.82 18.32 6.97
CA ILE A 7 13.99 17.68 5.96
C ILE A 7 12.54 17.56 6.43
N GLY A 8 11.76 18.61 6.18
CA GLY A 8 10.36 18.60 6.58
C GLY A 8 9.86 19.97 6.97
N ALA A 9 10.45 20.54 8.01
CA ALA A 9 10.05 21.86 8.49
C ALA A 9 10.23 22.91 7.41
N LEU A 10 11.30 22.78 6.63
CA LEU A 10 11.59 23.72 5.56
C LEU A 10 10.44 23.75 4.54
N ALA A 11 9.94 22.57 4.19
CA ALA A 11 8.84 22.46 3.25
C ALA A 11 7.92 21.30 3.60
N SER A 12 6.63 21.59 3.71
CA SER A 12 5.64 20.58 4.06
C SER A 12 5.57 19.50 2.97
N ALA A 13 5.77 19.90 1.72
CA ALA A 13 5.72 18.97 0.61
C ALA A 13 6.80 17.90 0.74
N LEU A 14 7.94 18.27 1.32
CA LEU A 14 9.04 17.33 1.50
C LEU A 14 8.73 16.34 2.62
N ALA A 15 8.04 16.82 3.65
CA ALA A 15 7.68 15.98 4.79
C ALA A 15 6.83 14.80 4.35
N ASN A 16 6.18 14.91 3.20
CA ASN A 16 5.34 13.85 2.68
C ASN A 16 5.55 13.66 1.18
N SER A 17 5.91 12.44 0.79
CA SER A 17 6.14 12.13 -0.61
C SER A 17 4.91 11.48 -1.23
N PRO A 18 4.81 11.49 -2.57
CA PRO A 18 3.68 10.90 -3.29
C PRO A 18 3.39 9.47 -2.82
N PRO A 19 2.11 9.13 -2.60
CA PRO A 19 1.71 7.79 -2.15
C PRO A 19 2.22 6.69 -3.07
N GLU A 20 2.23 6.97 -4.37
CA GLU A 20 2.70 6.01 -5.36
C GLU A 20 4.21 5.79 -5.23
N THR A 21 4.93 6.86 -4.92
CA THR A 21 6.39 6.77 -4.79
C THR A 21 6.72 5.84 -3.63
N GLN A 22 6.08 6.05 -2.51
CA GLN A 22 6.28 5.20 -1.36
C GLN A 22 5.69 3.84 -1.66
N ARG A 23 4.48 3.88 -2.22
CA ARG A 23 3.73 2.68 -2.55
C ARG A 23 4.64 1.47 -2.66
N MET A 24 5.22 1.27 -3.82
CA MET A 24 6.11 0.14 -4.02
C MET A 24 7.28 0.17 -3.04
N MET A 25 7.77 1.37 -2.73
CA MET A 25 8.91 1.51 -1.82
C MET A 25 8.64 0.89 -0.44
N LEU A 26 7.52 1.25 0.19
CA LEU A 26 7.20 0.66 1.50
C LEU A 26 6.88 -0.81 1.31
N GLY A 27 6.01 -1.12 0.34
CA GLY A 27 5.69 -2.48 0.06
C GLY A 27 6.94 -3.24 -0.27
N GLU A 28 7.96 -2.58 -0.79
CA GLU A 28 9.20 -3.26 -1.08
C GLU A 28 9.69 -3.99 0.17
N ASN A 29 9.60 -3.29 1.30
CA ASN A 29 10.01 -3.88 2.58
C ASN A 29 8.82 -4.52 3.28
N LEU A 30 7.70 -3.81 3.31
CA LEU A 30 6.50 -4.30 3.96
C LEU A 30 5.74 -5.31 3.09
N TYR A 31 5.69 -5.11 1.77
CA TYR A 31 4.99 -6.06 0.90
C TYR A 31 5.50 -7.45 1.18
N PRO A 32 6.83 -7.67 1.20
CA PRO A 32 7.33 -8.99 1.53
C PRO A 32 6.77 -9.44 2.87
N LEU A 33 6.56 -8.47 3.77
CA LEU A 33 5.99 -8.79 5.07
C LEU A 33 4.49 -8.97 4.96
N VAL A 34 3.85 -7.99 4.31
CA VAL A 34 2.42 -8.04 4.11
C VAL A 34 2.06 -8.99 3.00
N ASP A 35 2.73 -8.83 1.86
CA ASP A 35 2.50 -9.72 0.72
C ASP A 35 2.11 -11.12 1.18
N GLN A 36 0.82 -11.34 1.42
CA GLN A 36 0.32 -12.62 1.91
C GLN A 36 0.57 -13.75 0.93
N LEU A 37 0.09 -13.58 -0.31
CA LEU A 37 0.25 -14.62 -1.33
C LEU A 37 1.33 -14.24 -2.33
N GLU A 38 1.30 -14.86 -3.51
CA GLU A 38 2.27 -14.58 -4.55
C GLU A 38 2.02 -13.20 -5.18
N HIS A 39 3.10 -12.49 -5.44
CA HIS A 39 3.05 -11.15 -6.04
C HIS A 39 1.88 -10.98 -7.01
N ASP A 40 1.52 -12.05 -7.71
CA ASP A 40 0.41 -12.01 -8.67
C ASP A 40 -0.76 -11.19 -8.15
N GLN A 41 -1.54 -11.80 -7.27
CA GLN A 41 -2.69 -11.12 -6.68
C GLN A 41 -2.33 -10.52 -5.32
N ALA A 42 -1.31 -11.11 -4.69
CA ALA A 42 -0.86 -10.64 -3.38
C ALA A 42 -0.31 -9.23 -3.44
N ALA A 43 0.50 -8.96 -4.46
CA ALA A 43 1.08 -7.64 -4.64
C ALA A 43 0.01 -6.61 -4.93
N LYS A 44 -1.04 -7.05 -5.60
CA LYS A 44 -2.14 -6.15 -5.95
C LYS A 44 -2.89 -5.68 -4.72
N VAL A 45 -3.28 -6.58 -3.83
CA VAL A 45 -4.02 -6.18 -2.65
C VAL A 45 -3.19 -5.41 -1.62
N THR A 46 -2.03 -5.94 -1.24
CA THR A 46 -1.20 -5.29 -0.22
C THR A 46 -0.54 -4.00 -0.70
N GLY A 47 0.20 -4.09 -1.78
CA GLY A 47 0.91 -2.94 -2.29
C GLY A 47 0.07 -1.90 -3.02
N MET A 48 -1.07 -2.29 -3.60
CA MET A 48 -1.89 -1.31 -4.32
C MET A 48 -2.41 -0.26 -3.35
N LEU A 49 -2.94 -0.73 -2.23
CA LEU A 49 -3.45 0.16 -1.20
C LEU A 49 -2.36 1.10 -0.70
N LEU A 50 -1.10 0.74 -0.97
CA LEU A 50 0.03 1.53 -0.53
C LEU A 50 -0.07 2.97 -1.03
N GLU A 51 -0.88 3.20 -2.06
CA GLU A 51 -1.05 4.55 -2.60
C GLU A 51 -2.53 4.90 -2.77
N MET A 52 -3.41 3.92 -2.56
CA MET A 52 -4.84 4.15 -2.69
C MET A 52 -5.35 5.01 -1.55
N ASP A 53 -5.37 4.45 -0.35
CA ASP A 53 -5.84 5.18 0.82
C ASP A 53 -4.76 5.24 1.90
N GLN A 54 -4.59 6.41 2.51
CA GLN A 54 -3.59 6.60 3.55
C GLN A 54 -3.82 5.64 4.72
N THR A 55 -5.09 5.41 5.02
CA THR A 55 -5.47 4.50 6.09
C THR A 55 -5.19 3.05 5.69
N GLU A 56 -5.47 2.74 4.43
CA GLU A 56 -5.26 1.39 3.92
C GLU A 56 -3.77 1.11 3.71
N VAL A 57 -3.05 2.07 3.15
CA VAL A 57 -1.62 1.90 2.92
C VAL A 57 -0.91 1.58 4.22
N LEU A 58 -1.23 2.34 5.25
CA LEU A 58 -0.63 2.16 6.55
C LEU A 58 -1.02 0.81 7.14
N HIS A 59 -2.30 0.48 7.06
CA HIS A 59 -2.82 -0.77 7.58
C HIS A 59 -2.40 -2.00 6.75
N LEU A 60 -2.52 -1.91 5.44
CA LEU A 60 -2.21 -3.04 4.57
C LEU A 60 -0.76 -3.49 4.64
N LEU A 61 0.19 -2.57 4.64
CA LEU A 61 1.61 -2.94 4.70
C LEU A 61 2.12 -2.94 6.14
N GLU A 62 1.22 -3.11 7.10
CA GLU A 62 1.61 -3.12 8.50
C GLU A 62 0.75 -4.08 9.33
N SER A 63 -0.56 -3.92 9.28
CA SER A 63 -1.47 -4.77 10.04
C SER A 63 -1.89 -6.02 9.25
N PRO A 64 -2.15 -7.14 9.95
CA PRO A 64 -2.57 -8.39 9.32
C PRO A 64 -4.03 -8.35 8.91
N ASP A 65 -4.87 -7.77 9.76
CA ASP A 65 -6.29 -7.66 9.49
C ASP A 65 -6.54 -6.80 8.25
N ALA A 66 -5.58 -5.94 7.95
CA ALA A 66 -5.68 -5.05 6.80
C ALA A 66 -5.73 -5.83 5.49
N LEU A 67 -4.94 -6.88 5.41
CA LEU A 67 -4.87 -7.72 4.22
C LEU A 67 -6.23 -8.33 3.89
N LYS A 68 -6.90 -8.86 4.91
CA LYS A 68 -8.20 -9.50 4.74
C LYS A 68 -9.22 -8.56 4.10
N ALA A 69 -9.13 -7.27 4.42
CA ALA A 69 -10.06 -6.28 3.92
C ALA A 69 -9.97 -6.04 2.42
N LYS A 70 -8.76 -5.76 1.94
CA LYS A 70 -8.54 -5.47 0.52
C LYS A 70 -8.50 -6.73 -0.32
N VAL A 71 -8.01 -7.80 0.26
CA VAL A 71 -7.91 -9.07 -0.46
C VAL A 71 -9.28 -9.57 -0.90
N ALA A 72 -10.24 -9.58 0.02
CA ALA A 72 -11.58 -10.05 -0.31
C ALA A 72 -12.18 -9.26 -1.46
N GLU A 73 -12.07 -7.94 -1.39
CA GLU A 73 -12.60 -7.06 -2.42
C GLU A 73 -11.74 -7.11 -3.69
N ALA A 74 -10.44 -6.93 -3.51
CA ALA A 74 -9.49 -6.91 -4.64
C ALA A 74 -9.34 -8.28 -5.31
N MET A 75 -9.05 -9.31 -4.52
CA MET A 75 -8.87 -10.64 -5.07
C MET A 75 -10.11 -11.11 -5.83
N GLU A 76 -11.28 -10.81 -5.29
CA GLU A 76 -12.53 -11.21 -5.94
C GLU A 76 -12.64 -10.61 -7.34
N VAL A 77 -12.38 -9.31 -7.43
CA VAL A 77 -12.45 -8.59 -8.70
C VAL A 77 -11.23 -8.90 -9.58
N LEU A 78 -10.08 -9.07 -8.94
CA LEU A 78 -8.84 -9.36 -9.66
C LEU A 78 -8.90 -10.69 -10.40
N ARG A 79 -9.02 -11.77 -9.64
CA ARG A 79 -9.07 -13.10 -10.19
C ARG A 79 -10.26 -13.25 -11.15
N SER A 80 -11.35 -12.55 -10.87
CA SER A 80 -12.54 -12.64 -11.71
C SER A 80 -13.49 -11.48 -11.44
N ALA A 81 -14.63 -11.47 -12.13
CA ALA A 81 -15.63 -10.43 -11.96
C ALA A 81 -15.02 -9.04 -12.09
N GLN A 82 -15.85 -8.02 -11.94
CA GLN A 82 -15.40 -6.64 -12.03
C GLN A 82 -16.34 -5.71 -11.28
N GLN A 83 -15.78 -4.65 -10.70
CA GLN A 83 -16.57 -3.69 -9.94
C GLN A 83 -15.88 -2.33 -9.90
N HIS A 84 -15.35 -1.91 -11.04
CA HIS A 84 -14.66 -0.62 -11.14
C HIS A 84 -13.48 -0.57 -10.18
N THR A 85 -12.69 -1.63 -10.17
CA THR A 85 -11.52 -1.70 -9.30
C THR A 85 -10.27 -2.04 -10.11
N GLY A 1 21.38 4.88 10.23
CA GLY A 1 19.91 4.93 10.00
C GLY A 1 19.42 3.83 9.07
N PRO A 2 19.39 4.09 7.75
CA PRO A 2 18.94 3.10 6.77
C PRO A 2 19.93 1.95 6.61
N LEU A 3 21.20 2.22 6.88
CA LEU A 3 22.24 1.21 6.77
C LEU A 3 22.37 0.72 5.33
N GLY A 4 23.60 0.45 4.91
CA GLY A 4 23.85 -0.01 3.56
C GLY A 4 23.78 1.11 2.55
N SER A 5 22.57 1.59 2.28
CA SER A 5 22.38 2.68 1.33
C SER A 5 22.06 3.99 2.03
N PRO A 6 22.48 5.12 1.46
CA PRO A 6 22.24 6.45 2.05
C PRO A 6 20.78 6.87 1.95
N ILE A 7 20.19 6.68 0.77
CA ILE A 7 18.80 7.05 0.54
C ILE A 7 17.87 6.19 1.38
N GLY A 8 17.01 6.85 2.15
CA GLY A 8 16.07 6.13 3.00
C GLY A 8 15.74 6.89 4.27
N ALA A 9 15.82 6.19 5.40
CA ALA A 9 15.52 6.81 6.69
C ALA A 9 16.45 7.99 6.96
N LEU A 10 17.63 7.97 6.34
CA LEU A 10 18.60 9.04 6.51
C LEU A 10 18.02 10.39 6.11
N ALA A 11 17.29 10.41 4.99
CA ALA A 11 16.68 11.64 4.50
C ALA A 11 15.21 11.72 4.92
N SER A 12 14.87 12.80 5.61
CA SER A 12 13.50 13.01 6.07
C SER A 12 12.57 13.37 4.91
N ALA A 13 13.11 14.09 3.93
CA ALA A 13 12.33 14.51 2.77
C ALA A 13 11.81 13.31 1.99
N LEU A 14 12.58 12.23 1.97
CA LEU A 14 12.17 11.03 1.25
C LEU A 14 10.85 10.48 1.79
N ALA A 15 10.64 10.65 3.10
CA ALA A 15 9.43 10.18 3.75
C ALA A 15 8.24 11.06 3.38
N ASN A 16 8.52 12.32 3.09
CA ASN A 16 7.46 13.27 2.73
C ASN A 16 7.25 13.29 1.23
N SER A 17 7.09 12.11 0.64
CA SER A 17 6.87 11.98 -0.80
C SER A 17 5.45 11.48 -1.09
N PRO A 18 4.97 11.69 -2.33
CA PRO A 18 3.63 11.24 -2.74
C PRO A 18 3.35 9.81 -2.32
N PRO A 19 2.06 9.42 -2.29
CA PRO A 19 1.65 8.06 -1.91
C PRO A 19 2.23 6.99 -2.84
N GLU A 20 2.31 7.31 -4.12
CA GLU A 20 2.83 6.38 -5.11
C GLU A 20 4.34 6.17 -4.91
N THR A 21 5.03 7.23 -4.50
CA THR A 21 6.47 7.15 -4.29
C THR A 21 6.76 6.18 -3.16
N GLN A 22 6.05 6.35 -2.06
CA GLN A 22 6.21 5.44 -0.94
C GLN A 22 5.66 4.10 -1.34
N ARG A 23 4.49 4.14 -1.96
CA ARG A 23 3.78 2.94 -2.39
C ARG A 23 4.71 1.75 -2.48
N MET A 24 5.38 1.62 -3.60
CA MET A 24 6.30 0.51 -3.78
C MET A 24 7.41 0.52 -2.73
N MET A 25 7.85 1.71 -2.34
CA MET A 25 8.92 1.83 -1.35
C MET A 25 8.57 1.13 -0.02
N LEU A 26 7.40 1.42 0.55
CA LEU A 26 7.02 0.75 1.80
C LEU A 26 6.77 -0.71 1.50
N GLY A 27 5.98 -0.98 0.46
CA GLY A 27 5.72 -2.33 0.08
C GLY A 27 7.01 -3.05 -0.21
N GLU A 28 8.04 -2.33 -0.60
CA GLU A 28 9.32 -2.96 -0.86
C GLU A 28 9.74 -3.73 0.39
N ASN A 29 9.62 -3.08 1.54
CA ASN A 29 9.97 -3.71 2.81
C ASN A 29 8.75 -4.38 3.44
N LEU A 30 7.62 -3.68 3.41
CA LEU A 30 6.39 -4.19 3.98
C LEU A 30 5.70 -5.22 3.07
N TYR A 31 5.70 -5.00 1.76
CA TYR A 31 5.07 -5.94 0.83
C TYR A 31 5.59 -7.33 1.12
N PRO A 32 6.91 -7.53 1.19
CA PRO A 32 7.43 -8.85 1.51
C PRO A 32 6.83 -9.32 2.83
N LEU A 33 6.58 -8.38 3.75
CA LEU A 33 5.98 -8.73 5.03
C LEU A 33 4.49 -8.89 4.89
N VAL A 34 3.88 -7.89 4.27
CA VAL A 34 2.45 -7.89 4.04
C VAL A 34 2.08 -8.79 2.89
N ASP A 35 2.77 -8.62 1.77
CA ASP A 35 2.52 -9.47 0.61
C ASP A 35 2.37 -10.94 1.05
N GLN A 36 1.14 -11.34 1.35
CA GLN A 36 0.86 -12.71 1.82
C GLN A 36 1.13 -13.74 0.73
N LEU A 37 0.36 -13.66 -0.35
CA LEU A 37 0.49 -14.61 -1.45
C LEU A 37 1.55 -14.15 -2.45
N GLU A 38 1.55 -14.77 -3.62
CA GLU A 38 2.51 -14.42 -4.66
C GLU A 38 2.15 -13.08 -5.29
N HIS A 39 3.17 -12.33 -5.67
CA HIS A 39 3.01 -11.00 -6.28
C HIS A 39 1.78 -10.92 -7.19
N ASP A 40 1.42 -12.04 -7.81
CA ASP A 40 0.25 -12.08 -8.70
C ASP A 40 -0.90 -11.25 -8.15
N GLN A 41 -1.60 -11.78 -7.17
CA GLN A 41 -2.71 -11.07 -6.55
C GLN A 41 -2.26 -10.43 -5.24
N ALA A 42 -1.20 -10.99 -4.66
CA ALA A 42 -0.65 -10.49 -3.41
C ALA A 42 -0.12 -9.06 -3.57
N ALA A 43 0.59 -8.83 -4.65
CA ALA A 43 1.16 -7.51 -4.92
C ALA A 43 0.07 -6.49 -5.20
N LYS A 44 -1.02 -6.96 -5.80
CA LYS A 44 -2.12 -6.08 -6.14
C LYS A 44 -2.86 -5.59 -4.90
N VAL A 45 -3.23 -6.49 -4.00
CA VAL A 45 -3.98 -6.08 -2.81
C VAL A 45 -3.15 -5.31 -1.78
N THR A 46 -1.99 -5.85 -1.40
CA THR A 46 -1.18 -5.20 -0.37
C THR A 46 -0.52 -3.90 -0.81
N GLY A 47 0.23 -3.96 -1.90
CA GLY A 47 0.93 -2.78 -2.37
C GLY A 47 0.08 -1.74 -3.08
N MET A 48 -1.05 -2.13 -3.69
CA MET A 48 -1.88 -1.15 -4.39
C MET A 48 -2.42 -0.12 -3.41
N LEU A 49 -2.93 -0.61 -2.29
CA LEU A 49 -3.45 0.27 -1.25
C LEU A 49 -2.37 1.20 -0.72
N LEU A 50 -1.11 0.86 -1.00
CA LEU A 50 0.01 1.65 -0.54
C LEU A 50 -0.10 3.12 -0.99
N GLU A 51 -0.90 3.37 -2.02
CA GLU A 51 -1.09 4.73 -2.51
C GLU A 51 -2.57 5.05 -2.75
N MET A 52 -3.43 4.05 -2.59
CA MET A 52 -4.87 4.24 -2.78
C MET A 52 -5.46 5.06 -1.63
N ASP A 53 -5.47 4.47 -0.44
CA ASP A 53 -6.01 5.15 0.74
C ASP A 53 -4.97 5.19 1.85
N GLN A 54 -4.82 6.36 2.46
CA GLN A 54 -3.86 6.54 3.55
C GLN A 54 -4.08 5.52 4.66
N THR A 55 -5.34 5.26 4.96
CA THR A 55 -5.69 4.29 6.00
C THR A 55 -5.35 2.88 5.54
N GLU A 56 -5.57 2.62 4.25
CA GLU A 56 -5.30 1.31 3.67
C GLU A 56 -3.79 1.08 3.56
N VAL A 57 -3.05 2.08 3.07
CA VAL A 57 -1.60 1.95 2.92
C VAL A 57 -0.97 1.62 4.27
N LEU A 58 -1.38 2.36 5.29
CA LEU A 58 -0.86 2.16 6.63
C LEU A 58 -1.26 0.78 7.16
N HIS A 59 -2.53 0.44 6.99
CA HIS A 59 -3.06 -0.83 7.46
C HIS A 59 -2.58 -2.04 6.66
N LEU A 60 -2.60 -1.93 5.33
CA LEU A 60 -2.23 -3.07 4.49
C LEU A 60 -0.75 -3.45 4.57
N LEU A 61 0.16 -2.47 4.55
CA LEU A 61 1.59 -2.79 4.63
C LEU A 61 2.08 -2.71 6.06
N GLU A 62 1.25 -3.15 7.00
CA GLU A 62 1.61 -3.14 8.41
C GLU A 62 0.84 -4.20 9.20
N SER A 63 -0.48 -4.28 8.98
CA SER A 63 -1.30 -5.26 9.69
C SER A 63 -1.83 -6.35 8.75
N PRO A 64 -2.03 -7.57 9.29
CA PRO A 64 -2.54 -8.69 8.51
C PRO A 64 -4.04 -8.58 8.24
N ASP A 65 -4.78 -8.17 9.26
CA ASP A 65 -6.23 -8.01 9.15
C ASP A 65 -6.56 -7.07 8.00
N ALA A 66 -5.63 -6.19 7.70
CA ALA A 66 -5.79 -5.22 6.62
C ALA A 66 -5.92 -5.93 5.27
N LEU A 67 -5.19 -7.03 5.13
CA LEU A 67 -5.21 -7.80 3.89
C LEU A 67 -6.60 -8.34 3.57
N LYS A 68 -7.27 -8.89 4.57
CA LYS A 68 -8.60 -9.45 4.40
C LYS A 68 -9.56 -8.43 3.79
N ALA A 69 -9.39 -7.17 4.16
CA ALA A 69 -10.26 -6.10 3.69
C ALA A 69 -10.12 -5.84 2.19
N LYS A 70 -8.89 -5.63 1.75
CA LYS A 70 -8.63 -5.33 0.34
C LYS A 70 -8.65 -6.59 -0.51
N VAL A 71 -8.13 -7.67 0.05
CA VAL A 71 -8.09 -8.93 -0.69
C VAL A 71 -9.48 -9.37 -1.12
N ALA A 72 -10.44 -9.30 -0.21
CA ALA A 72 -11.81 -9.69 -0.53
C ALA A 72 -12.34 -8.89 -1.71
N GLU A 73 -12.12 -7.58 -1.67
CA GLU A 73 -12.57 -6.69 -2.74
C GLU A 73 -11.72 -6.84 -4.01
N ALA A 74 -10.40 -6.78 -3.84
CA ALA A 74 -9.49 -6.89 -4.97
C ALA A 74 -9.49 -8.30 -5.59
N MET A 75 -9.29 -9.32 -4.76
CA MET A 75 -9.28 -10.69 -5.25
C MET A 75 -10.61 -11.07 -5.87
N GLU A 76 -11.67 -10.37 -5.45
CA GLU A 76 -13.01 -10.63 -5.98
C GLU A 76 -13.07 -10.45 -7.49
N VAL A 77 -12.53 -9.33 -7.97
CA VAL A 77 -12.54 -9.04 -9.41
C VAL A 77 -11.51 -9.87 -10.16
N LEU A 78 -10.29 -9.97 -9.61
CA LEU A 78 -9.23 -10.74 -10.27
C LEU A 78 -9.36 -12.24 -9.99
N ARG A 79 -9.16 -12.62 -8.73
CA ARG A 79 -9.24 -13.99 -8.34
C ARG A 79 -10.63 -14.57 -8.62
N SER A 80 -11.65 -13.72 -8.51
CA SER A 80 -13.03 -14.15 -8.76
C SER A 80 -13.63 -13.40 -9.93
N ALA A 81 -14.91 -13.65 -10.19
CA ALA A 81 -15.61 -13.00 -11.30
C ALA A 81 -16.68 -12.04 -10.78
N GLN A 82 -16.49 -10.75 -11.04
CA GLN A 82 -17.44 -9.73 -10.61
C GLN A 82 -18.49 -9.48 -11.67
N GLN A 83 -18.04 -9.02 -12.85
CA GLN A 83 -18.94 -8.72 -13.95
C GLN A 83 -20.07 -7.80 -13.51
N HIS A 84 -21.02 -7.57 -14.41
CA HIS A 84 -22.16 -6.71 -14.12
C HIS A 84 -23.46 -7.52 -14.06
N THR A 85 -23.96 -7.90 -15.23
CA THR A 85 -25.20 -8.67 -15.30
C THR A 85 -25.17 -9.62 -16.50
N GLY A 1 22.86 23.57 -10.55
CA GLY A 1 23.38 22.39 -9.81
C GLY A 1 23.27 22.54 -8.30
N PRO A 2 23.12 21.42 -7.56
CA PRO A 2 23.00 21.46 -6.11
C PRO A 2 24.13 22.24 -5.45
N LEU A 3 24.12 22.28 -4.12
CA LEU A 3 25.14 23.00 -3.37
C LEU A 3 26.25 22.06 -2.92
N GLY A 4 26.72 21.22 -3.84
CA GLY A 4 27.77 20.28 -3.52
C GLY A 4 27.28 18.84 -3.53
N SER A 5 26.85 18.36 -2.37
CA SER A 5 26.35 16.99 -2.25
C SER A 5 24.89 16.91 -2.64
N PRO A 6 24.43 15.73 -3.12
CA PRO A 6 23.04 15.52 -3.53
C PRO A 6 22.06 15.70 -2.37
N ILE A 7 22.29 14.94 -1.31
CA ILE A 7 21.42 15.01 -0.13
C ILE A 7 21.54 16.37 0.57
N GLY A 8 20.47 16.79 1.22
CA GLY A 8 20.48 18.06 1.92
C GLY A 8 19.68 19.13 1.21
N ALA A 9 20.25 19.69 0.15
CA ALA A 9 19.57 20.73 -0.63
C ALA A 9 18.26 20.22 -1.20
N LEU A 10 18.23 18.93 -1.53
CA LEU A 10 17.04 18.32 -2.09
C LEU A 10 15.86 18.43 -1.13
N ALA A 11 16.13 18.21 0.16
CA ALA A 11 15.10 18.29 1.19
C ALA A 11 13.99 17.28 0.92
N SER A 12 14.17 16.07 1.46
CA SER A 12 13.19 15.00 1.28
C SER A 12 11.94 15.27 2.12
N ALA A 13 12.15 15.73 3.35
CA ALA A 13 11.04 16.03 4.25
C ALA A 13 10.16 17.14 3.69
N LEU A 14 10.78 18.13 3.05
CA LEU A 14 10.04 19.24 2.46
C LEU A 14 9.47 18.86 1.09
N ALA A 15 10.04 17.84 0.47
CA ALA A 15 9.59 17.39 -0.84
C ALA A 15 8.23 16.70 -0.80
N ASN A 16 8.06 15.79 0.16
CA ASN A 16 6.80 15.06 0.31
C ASN A 16 6.37 14.45 -1.02
N SER A 17 6.87 13.25 -1.31
CA SER A 17 6.53 12.56 -2.55
C SER A 17 5.15 11.92 -2.46
N PRO A 18 4.45 11.81 -3.60
CA PRO A 18 3.11 11.21 -3.65
C PRO A 18 3.07 9.83 -2.98
N PRO A 19 1.86 9.33 -2.67
CA PRO A 19 1.68 8.02 -2.05
C PRO A 19 2.22 6.89 -2.89
N GLU A 20 2.20 7.08 -4.21
CA GLU A 20 2.69 6.07 -5.14
C GLU A 20 4.19 5.85 -4.95
N THR A 21 4.90 6.91 -4.59
CA THR A 21 6.34 6.81 -4.39
C THR A 21 6.63 5.87 -3.24
N GLN A 22 5.93 6.06 -2.14
CA GLN A 22 6.09 5.17 -1.00
C GLN A 22 5.51 3.83 -1.36
N ARG A 23 4.31 3.88 -1.93
CA ARG A 23 3.57 2.69 -2.31
C ARG A 23 4.49 1.48 -2.42
N MET A 24 5.07 1.28 -3.59
CA MET A 24 5.96 0.16 -3.78
C MET A 24 7.13 0.20 -2.80
N MET A 25 7.61 1.40 -2.48
CA MET A 25 8.74 1.55 -1.57
C MET A 25 8.48 0.91 -0.20
N LEU A 26 7.35 1.23 0.44
CA LEU A 26 7.05 0.62 1.74
C LEU A 26 6.75 -0.86 1.54
N GLY A 27 5.89 -1.17 0.57
CA GLY A 27 5.58 -2.52 0.26
C GLY A 27 6.83 -3.28 -0.07
N GLU A 28 7.83 -2.60 -0.60
CA GLU A 28 9.08 -3.27 -0.92
C GLU A 28 9.60 -3.95 0.33
N ASN A 29 9.52 -3.25 1.46
CA ASN A 29 9.96 -3.81 2.74
C ASN A 29 8.80 -4.49 3.46
N LEU A 30 7.69 -3.79 3.57
CA LEU A 30 6.52 -4.33 4.25
C LEU A 30 5.77 -5.35 3.38
N TYR A 31 5.68 -5.12 2.08
CA TYR A 31 4.98 -6.07 1.20
C TYR A 31 5.52 -7.46 1.45
N PRO A 32 6.85 -7.67 1.43
CA PRO A 32 7.36 -8.99 1.72
C PRO A 32 6.83 -9.46 3.06
N LEU A 33 6.61 -8.52 3.98
CA LEU A 33 6.06 -8.86 5.28
C LEU A 33 4.55 -9.06 5.15
N VAL A 34 3.91 -8.11 4.50
CA VAL A 34 2.47 -8.16 4.28
C VAL A 34 2.14 -9.12 3.17
N ASP A 35 2.85 -8.98 2.06
CA ASP A 35 2.67 -9.88 0.90
C ASP A 35 2.23 -11.27 1.35
N GLN A 36 0.94 -11.45 1.54
CA GLN A 36 0.39 -12.72 2.01
C GLN A 36 0.61 -13.85 1.00
N LEU A 37 0.15 -13.65 -0.22
CA LEU A 37 0.29 -14.67 -1.26
C LEU A 37 1.45 -14.36 -2.20
N GLU A 38 1.39 -14.92 -3.41
CA GLU A 38 2.43 -14.71 -4.40
C GLU A 38 2.17 -13.46 -5.22
N HIS A 39 3.25 -12.83 -5.66
CA HIS A 39 3.18 -11.59 -6.46
C HIS A 39 1.99 -11.57 -7.42
N ASP A 40 1.58 -12.75 -7.91
CA ASP A 40 0.46 -12.84 -8.84
C ASP A 40 -0.67 -11.88 -8.45
N GLN A 41 -1.37 -12.21 -7.37
CA GLN A 41 -2.46 -11.37 -6.88
C GLN A 41 -2.09 -10.75 -5.55
N ALA A 42 -1.03 -11.27 -4.92
CA ALA A 42 -0.55 -10.78 -3.64
C ALA A 42 -0.07 -9.34 -3.73
N ALA A 43 0.69 -9.05 -4.78
CA ALA A 43 1.24 -7.72 -4.99
C ALA A 43 0.13 -6.69 -5.17
N LYS A 44 -0.98 -7.12 -5.76
CA LYS A 44 -2.09 -6.23 -6.02
C LYS A 44 -2.81 -5.79 -4.74
N VAL A 45 -3.17 -6.71 -3.86
CA VAL A 45 -3.93 -6.34 -2.66
C VAL A 45 -3.13 -5.55 -1.61
N THR A 46 -1.96 -6.05 -1.20
CA THR A 46 -1.20 -5.38 -0.15
C THR A 46 -0.56 -4.07 -0.57
N GLY A 47 0.21 -4.12 -1.63
CA GLY A 47 0.92 -2.93 -2.08
C GLY A 47 0.06 -1.90 -2.82
N MET A 48 -1.05 -2.32 -3.44
CA MET A 48 -1.89 -1.36 -4.16
C MET A 48 -2.46 -0.34 -3.18
N LEU A 49 -3.01 -0.85 -2.09
CA LEU A 49 -3.57 0.01 -1.06
C LEU A 49 -2.51 0.95 -0.49
N LEU A 50 -1.24 0.61 -0.74
CA LEU A 50 -0.14 1.41 -0.24
C LEU A 50 -0.25 2.88 -0.66
N GLU A 51 -1.06 3.14 -1.69
CA GLU A 51 -1.25 4.51 -2.17
C GLU A 51 -2.73 4.83 -2.39
N MET A 52 -3.60 3.84 -2.22
CA MET A 52 -5.03 4.05 -2.40
C MET A 52 -5.61 4.86 -1.26
N ASP A 53 -5.77 4.23 -0.09
CA ASP A 53 -6.33 4.91 1.07
C ASP A 53 -5.27 5.05 2.17
N GLN A 54 -5.21 6.22 2.78
CA GLN A 54 -4.25 6.48 3.86
C GLN A 54 -4.39 5.46 4.98
N THR A 55 -5.63 5.07 5.26
CA THR A 55 -5.92 4.09 6.29
C THR A 55 -5.47 2.70 5.84
N GLU A 56 -5.83 2.35 4.61
CA GLU A 56 -5.48 1.05 4.04
C GLU A 56 -3.98 0.91 3.83
N VAL A 57 -3.36 1.96 3.30
CA VAL A 57 -1.91 1.94 3.07
C VAL A 57 -1.16 1.65 4.37
N LEU A 58 -1.56 2.36 5.41
CA LEU A 58 -0.95 2.18 6.72
C LEU A 58 -1.25 0.80 7.28
N HIS A 59 -2.51 0.40 7.18
CA HIS A 59 -2.97 -0.88 7.69
C HIS A 59 -2.48 -2.10 6.89
N LEU A 60 -2.53 -2.02 5.57
CA LEU A 60 -2.15 -3.16 4.73
C LEU A 60 -0.68 -3.54 4.86
N LEU A 61 0.23 -2.57 4.86
CA LEU A 61 1.66 -2.88 4.97
C LEU A 61 2.14 -2.72 6.41
N GLU A 62 1.28 -3.11 7.36
CA GLU A 62 1.62 -3.01 8.78
C GLU A 62 0.82 -4.03 9.60
N SER A 63 -0.49 -4.08 9.39
CA SER A 63 -1.35 -5.00 10.14
C SER A 63 -1.66 -6.25 9.33
N PRO A 64 -1.89 -7.39 10.01
CA PRO A 64 -2.22 -8.66 9.37
C PRO A 64 -3.69 -8.75 8.99
N ASP A 65 -4.54 -8.11 9.79
CA ASP A 65 -5.98 -8.11 9.55
C ASP A 65 -6.32 -7.21 8.37
N ALA A 66 -5.44 -6.26 8.09
CA ALA A 66 -5.64 -5.31 7.00
C ALA A 66 -5.66 -6.03 5.65
N LEU A 67 -4.85 -7.07 5.53
CA LEU A 67 -4.77 -7.84 4.30
C LEU A 67 -6.10 -8.49 3.93
N LYS A 68 -6.76 -9.09 4.91
CA LYS A 68 -8.05 -9.75 4.70
C LYS A 68 -9.08 -8.82 4.08
N ALA A 69 -9.03 -7.55 4.48
CA ALA A 69 -9.98 -6.55 4.01
C ALA A 69 -9.90 -6.26 2.51
N LYS A 70 -8.70 -5.96 2.03
CA LYS A 70 -8.49 -5.61 0.64
C LYS A 70 -8.45 -6.84 -0.25
N VAL A 71 -7.89 -7.91 0.27
CA VAL A 71 -7.77 -9.14 -0.50
C VAL A 71 -9.13 -9.63 -1.00
N ALA A 72 -10.16 -9.48 -0.17
CA ALA A 72 -11.49 -9.91 -0.52
C ALA A 72 -12.07 -9.04 -1.65
N GLU A 73 -11.93 -7.73 -1.49
CA GLU A 73 -12.44 -6.79 -2.49
C GLU A 73 -11.59 -6.81 -3.76
N ALA A 74 -10.27 -6.69 -3.57
CA ALA A 74 -9.34 -6.66 -4.70
C ALA A 74 -9.42 -7.95 -5.52
N MET A 75 -9.58 -9.08 -4.85
CA MET A 75 -9.66 -10.36 -5.53
C MET A 75 -10.82 -10.38 -6.52
N GLU A 76 -11.91 -9.72 -6.17
CA GLU A 76 -13.08 -9.66 -7.02
C GLU A 76 -12.75 -9.06 -8.39
N VAL A 77 -11.97 -7.98 -8.40
CA VAL A 77 -11.61 -7.32 -9.64
C VAL A 77 -10.56 -8.09 -10.43
N LEU A 78 -9.54 -8.63 -9.74
CA LEU A 78 -8.49 -9.37 -10.43
C LEU A 78 -8.87 -10.85 -10.56
N ARG A 79 -8.99 -11.54 -9.43
CA ARG A 79 -9.34 -12.93 -9.41
C ARG A 79 -10.69 -13.16 -10.09
N SER A 80 -11.59 -12.19 -9.98
CA SER A 80 -12.91 -12.30 -10.58
C SER A 80 -13.11 -11.25 -11.67
N ALA A 81 -14.17 -11.39 -12.45
CA ALA A 81 -14.47 -10.46 -13.53
C ALA A 81 -14.61 -9.03 -13.00
N GLN A 82 -14.59 -8.07 -13.91
CA GLN A 82 -14.71 -6.66 -13.54
C GLN A 82 -15.78 -5.97 -14.38
N GLN A 83 -16.21 -4.80 -13.94
CA GLN A 83 -17.22 -4.03 -14.65
C GLN A 83 -16.60 -2.84 -15.37
N HIS A 84 -15.74 -2.11 -14.67
CA HIS A 84 -15.08 -0.95 -15.24
C HIS A 84 -14.10 -0.34 -14.25
N THR A 85 -13.05 0.30 -14.77
CA THR A 85 -12.05 0.93 -13.93
C THR A 85 -11.99 2.44 -14.17
N GLY A 1 1.25 7.40 11.32
CA GLY A 1 0.92 8.82 11.00
C GLY A 1 2.01 9.78 11.42
N PRO A 2 1.66 11.05 11.73
CA PRO A 2 2.64 12.05 12.15
C PRO A 2 3.52 11.57 13.30
N LEU A 3 4.57 12.33 13.59
CA LEU A 3 5.49 11.98 14.67
C LEU A 3 6.14 10.63 14.41
N GLY A 4 6.89 10.14 15.39
CA GLY A 4 7.56 8.85 15.25
C GLY A 4 9.01 9.01 14.82
N SER A 5 9.40 8.25 13.80
CA SER A 5 10.77 8.31 13.28
C SER A 5 10.91 9.40 12.23
N PRO A 6 12.16 9.76 11.89
CA PRO A 6 12.43 10.80 10.89
C PRO A 6 11.69 10.54 9.57
N ILE A 7 11.71 9.29 9.13
CA ILE A 7 11.04 8.92 7.89
C ILE A 7 9.52 9.06 8.01
N GLY A 8 8.99 10.16 7.51
CA GLY A 8 7.56 10.39 7.58
C GLY A 8 7.21 11.86 7.73
N ALA A 9 6.47 12.17 8.78
CA ALA A 9 6.06 13.56 9.05
C ALA A 9 7.27 14.45 9.24
N LEU A 10 8.33 13.90 9.85
CA LEU A 10 9.55 14.65 10.09
C LEU A 10 10.25 15.02 8.80
N ALA A 11 10.28 14.07 7.86
CA ALA A 11 10.93 14.28 6.57
C ALA A 11 9.90 14.57 5.49
N SER A 12 8.75 15.13 5.90
CA SER A 12 7.69 15.46 4.95
C SER A 12 8.07 16.66 4.10
N ALA A 13 8.77 17.61 4.72
CA ALA A 13 9.19 18.81 4.02
C ALA A 13 10.33 18.53 3.03
N LEU A 14 11.24 17.64 3.43
CA LEU A 14 12.37 17.29 2.58
C LEU A 14 11.98 16.25 1.52
N ALA A 15 11.22 15.25 1.91
CA ALA A 15 10.81 14.20 0.98
C ALA A 15 9.61 14.62 0.14
N ASN A 16 8.59 15.18 0.81
CA ASN A 16 7.36 15.63 0.14
C ASN A 16 6.95 14.68 -0.98
N SER A 17 7.14 13.38 -0.77
CA SER A 17 6.79 12.38 -1.76
C SER A 17 5.36 11.88 -1.55
N PRO A 18 4.59 11.71 -2.65
CA PRO A 18 3.21 11.23 -2.57
C PRO A 18 3.12 9.77 -2.12
N PRO A 19 1.90 9.28 -1.89
CA PRO A 19 1.67 7.89 -1.46
C PRO A 19 2.24 6.88 -2.44
N GLU A 20 2.27 7.24 -3.72
CA GLU A 20 2.79 6.35 -4.75
C GLU A 20 4.29 6.13 -4.59
N THR A 21 5.00 7.19 -4.19
CA THR A 21 6.43 7.10 -4.01
C THR A 21 6.76 6.11 -2.91
N GLN A 22 6.06 6.24 -1.79
CA GLN A 22 6.24 5.31 -0.70
C GLN A 22 5.70 3.97 -1.12
N ARG A 23 4.50 4.02 -1.72
CA ARG A 23 3.80 2.84 -2.16
C ARG A 23 4.72 1.65 -2.32
N MET A 24 5.38 1.55 -3.45
CA MET A 24 6.29 0.46 -3.68
C MET A 24 7.41 0.44 -2.64
N MET A 25 7.85 1.62 -2.22
CA MET A 25 8.93 1.73 -1.24
C MET A 25 8.60 0.99 0.05
N LEU A 26 7.43 1.25 0.65
CA LEU A 26 7.06 0.54 1.88
C LEU A 26 6.81 -0.91 1.54
N GLY A 27 6.02 -1.15 0.49
CA GLY A 27 5.77 -2.49 0.07
C GLY A 27 7.07 -3.21 -0.22
N GLU A 28 8.09 -2.48 -0.59
CA GLU A 28 9.37 -3.10 -0.85
C GLU A 28 9.79 -3.89 0.39
N ASN A 29 9.67 -3.27 1.55
CA ASN A 29 10.03 -3.93 2.81
C ASN A 29 8.81 -4.56 3.47
N LEU A 30 7.69 -3.87 3.39
CA LEU A 30 6.47 -4.35 4.00
C LEU A 30 5.75 -5.36 3.10
N TYR A 31 5.72 -5.12 1.78
CA TYR A 31 5.08 -6.04 0.86
C TYR A 31 5.61 -7.43 1.11
N PRO A 32 6.93 -7.63 1.17
CA PRO A 32 7.44 -8.96 1.45
C PRO A 32 6.87 -9.45 2.78
N LEU A 33 6.65 -8.51 3.72
CA LEU A 33 6.08 -8.88 5.01
C LEU A 33 4.57 -9.03 4.90
N VAL A 34 3.96 -8.01 4.30
CA VAL A 34 2.53 -7.99 4.10
C VAL A 34 2.13 -8.89 2.96
N ASP A 35 2.80 -8.73 1.83
CA ASP A 35 2.52 -9.58 0.68
C ASP A 35 2.39 -11.04 1.14
N GLN A 36 1.17 -11.45 1.46
CA GLN A 36 0.90 -12.80 1.94
C GLN A 36 1.13 -13.85 0.87
N LEU A 37 0.33 -13.81 -0.17
CA LEU A 37 0.44 -14.77 -1.26
C LEU A 37 1.46 -14.33 -2.29
N GLU A 38 1.44 -14.97 -3.46
CA GLU A 38 2.36 -14.64 -4.53
C GLU A 38 1.98 -13.29 -5.15
N HIS A 39 2.99 -12.54 -5.56
CA HIS A 39 2.79 -11.22 -6.17
C HIS A 39 1.54 -11.16 -7.04
N ASP A 40 1.17 -12.28 -7.65
CA ASP A 40 0.00 -12.35 -8.51
C ASP A 40 -1.16 -11.54 -7.93
N GLN A 41 -1.82 -12.09 -6.93
CA GLN A 41 -2.92 -11.40 -6.27
C GLN A 41 -2.44 -10.71 -5.00
N ALA A 42 -1.36 -11.23 -4.44
CA ALA A 42 -0.77 -10.68 -3.22
C ALA A 42 -0.25 -9.26 -3.43
N ALA A 43 0.44 -9.05 -4.54
CA ALA A 43 1.01 -7.74 -4.85
C ALA A 43 -0.08 -6.72 -5.13
N LYS A 44 -1.19 -7.17 -5.70
CA LYS A 44 -2.28 -6.27 -6.03
C LYS A 44 -2.97 -5.72 -4.78
N VAL A 45 -3.35 -6.60 -3.86
CA VAL A 45 -4.05 -6.15 -2.67
C VAL A 45 -3.17 -5.39 -1.67
N THR A 46 -2.02 -5.95 -1.30
CA THR A 46 -1.16 -5.32 -0.29
C THR A 46 -0.48 -4.03 -0.76
N GLY A 47 0.26 -4.12 -1.85
CA GLY A 47 0.98 -2.96 -2.34
C GLY A 47 0.15 -1.92 -3.07
N MET A 48 -0.98 -2.29 -3.67
CA MET A 48 -1.80 -1.31 -4.38
C MET A 48 -2.36 -0.29 -3.42
N LEU A 49 -2.92 -0.77 -2.32
CA LEU A 49 -3.46 0.10 -1.30
C LEU A 49 -2.39 1.03 -0.74
N LEU A 50 -1.13 0.69 -0.98
CA LEU A 50 -0.02 1.48 -0.48
C LEU A 50 -0.12 2.95 -0.90
N GLU A 51 -0.93 3.24 -1.92
CA GLU A 51 -1.10 4.61 -2.38
C GLU A 51 -2.59 4.93 -2.63
N MET A 52 -3.45 3.94 -2.43
CA MET A 52 -4.88 4.13 -2.63
C MET A 52 -5.50 4.93 -1.49
N ASP A 53 -5.62 4.29 -0.32
CA ASP A 53 -6.19 4.96 0.85
C ASP A 53 -5.14 5.09 1.96
N GLN A 54 -5.16 6.23 2.65
CA GLN A 54 -4.21 6.50 3.73
C GLN A 54 -4.35 5.46 4.84
N THR A 55 -5.58 5.12 5.19
CA THR A 55 -5.83 4.14 6.22
C THR A 55 -5.43 2.74 5.75
N GLU A 56 -5.68 2.48 4.47
CA GLU A 56 -5.34 1.18 3.88
C GLU A 56 -3.84 1.04 3.68
N VAL A 57 -3.18 2.09 3.17
CA VAL A 57 -1.75 2.05 2.96
C VAL A 57 -1.03 1.74 4.27
N LEU A 58 -1.43 2.44 5.31
CA LEU A 58 -0.84 2.25 6.63
C LEU A 58 -1.17 0.86 7.16
N HIS A 59 -2.43 0.48 7.04
CA HIS A 59 -2.91 -0.81 7.55
C HIS A 59 -2.43 -2.02 6.73
N LEU A 60 -2.46 -1.92 5.40
CA LEU A 60 -2.09 -3.06 4.57
C LEU A 60 -0.63 -3.47 4.66
N LEU A 61 0.29 -2.51 4.62
CA LEU A 61 1.72 -2.84 4.71
C LEU A 61 2.21 -2.71 6.14
N GLU A 62 1.38 -3.13 7.09
CA GLU A 62 1.73 -3.07 8.51
C GLU A 62 0.96 -4.11 9.33
N SER A 63 -0.34 -4.24 9.06
CA SER A 63 -1.17 -5.20 9.80
C SER A 63 -1.70 -6.29 8.88
N PRO A 64 -1.92 -7.51 9.42
CA PRO A 64 -2.44 -8.64 8.65
C PRO A 64 -3.94 -8.52 8.40
N ASP A 65 -4.68 -8.10 9.42
CA ASP A 65 -6.13 -7.92 9.31
C ASP A 65 -6.46 -7.00 8.14
N ALA A 66 -5.52 -6.13 7.82
CA ALA A 66 -5.68 -5.18 6.73
C ALA A 66 -5.84 -5.90 5.40
N LEU A 67 -5.13 -7.01 5.26
CA LEU A 67 -5.15 -7.79 4.02
C LEU A 67 -6.54 -8.37 3.75
N LYS A 68 -7.17 -8.93 4.77
CA LYS A 68 -8.49 -9.54 4.63
C LYS A 68 -9.50 -8.58 4.03
N ALA A 69 -9.38 -7.30 4.37
CA ALA A 69 -10.30 -6.28 3.89
C ALA A 69 -10.17 -6.01 2.39
N LYS A 70 -8.95 -5.74 1.95
CA LYS A 70 -8.70 -5.43 0.55
C LYS A 70 -8.65 -6.68 -0.30
N VAL A 71 -8.15 -7.76 0.27
CA VAL A 71 -8.05 -9.01 -0.49
C VAL A 71 -9.40 -9.48 -0.99
N ALA A 72 -10.40 -9.52 -0.12
CA ALA A 72 -11.73 -9.95 -0.51
C ALA A 72 -12.29 -9.11 -1.66
N GLU A 73 -12.16 -7.80 -1.52
CA GLU A 73 -12.65 -6.88 -2.55
C GLU A 73 -11.76 -6.88 -3.79
N ALA A 74 -10.46 -6.73 -3.56
CA ALA A 74 -9.48 -6.68 -4.65
C ALA A 74 -9.31 -8.02 -5.37
N MET A 75 -9.05 -9.08 -4.61
CA MET A 75 -8.85 -10.39 -5.19
C MET A 75 -10.08 -10.85 -5.98
N GLU A 76 -11.25 -10.59 -5.44
CA GLU A 76 -12.50 -10.98 -6.10
C GLU A 76 -12.62 -10.41 -7.50
N VAL A 77 -12.21 -9.16 -7.68
CA VAL A 77 -12.29 -8.51 -8.98
C VAL A 77 -11.22 -9.00 -9.94
N LEU A 78 -10.03 -9.30 -9.43
CA LEU A 78 -8.94 -9.76 -10.27
C LEU A 78 -8.98 -11.27 -10.51
N ARG A 79 -9.59 -12.01 -9.58
CA ARG A 79 -9.68 -13.43 -9.70
C ARG A 79 -10.71 -13.83 -10.77
N SER A 80 -11.89 -13.22 -10.71
CA SER A 80 -12.94 -13.53 -11.68
C SER A 80 -13.83 -12.31 -11.94
N ALA A 81 -13.36 -11.13 -11.55
CA ALA A 81 -14.12 -9.90 -11.76
C ALA A 81 -15.51 -9.99 -11.13
N GLN A 82 -16.19 -8.85 -11.06
CA GLN A 82 -17.53 -8.80 -10.48
C GLN A 82 -18.58 -8.53 -11.56
N GLN A 83 -18.17 -7.81 -12.61
CA GLN A 83 -19.07 -7.49 -13.71
C GLN A 83 -18.41 -7.82 -15.05
N HIS A 84 -17.38 -7.03 -15.40
CA HIS A 84 -16.66 -7.23 -16.65
C HIS A 84 -17.62 -7.18 -17.84
N THR A 85 -18.67 -6.39 -17.72
CA THR A 85 -19.66 -6.25 -18.79
C THR A 85 -20.57 -5.06 -18.54
N GLY A 1 -2.90 18.76 14.02
CA GLY A 1 -2.03 18.98 12.84
C GLY A 1 -2.70 19.84 11.78
N PRO A 2 -3.39 19.23 10.82
CA PRO A 2 -4.07 19.97 9.74
C PRO A 2 -4.99 21.05 10.29
N LEU A 3 -4.73 22.30 9.88
CA LEU A 3 -5.53 23.43 10.32
C LEU A 3 -5.48 23.57 11.84
N GLY A 4 -4.57 24.40 12.33
CA GLY A 4 -4.44 24.60 13.76
C GLY A 4 -2.99 24.62 14.22
N SER A 5 -2.34 23.46 14.16
CA SER A 5 -0.95 23.34 14.58
C SER A 5 -0.02 23.91 13.50
N PRO A 6 1.14 24.46 13.91
CA PRO A 6 2.11 25.05 12.98
C PRO A 6 2.66 24.01 12.00
N ILE A 7 3.25 22.95 12.53
CA ILE A 7 3.81 21.90 11.72
C ILE A 7 2.71 21.09 11.02
N GLY A 8 3.01 20.62 9.81
CA GLY A 8 2.04 19.85 9.07
C GLY A 8 1.93 20.28 7.61
N ALA A 9 0.71 20.55 7.16
CA ALA A 9 0.49 20.97 5.78
C ALA A 9 1.25 22.26 5.48
N LEU A 10 1.61 23.00 6.51
CA LEU A 10 2.33 24.26 6.35
C LEU A 10 3.65 24.03 5.61
N ALA A 11 4.34 22.95 5.95
CA ALA A 11 5.62 22.63 5.31
C ALA A 11 6.01 21.17 5.53
N SER A 12 5.67 20.62 6.69
CA SER A 12 5.99 19.24 7.01
C SER A 12 5.40 18.28 5.98
N ALA A 13 4.20 18.60 5.50
CA ALA A 13 3.53 17.76 4.51
C ALA A 13 4.34 17.70 3.22
N LEU A 14 4.83 18.85 2.77
CA LEU A 14 5.61 18.93 1.54
C LEU A 14 6.87 18.07 1.64
N ALA A 15 7.44 17.99 2.84
CA ALA A 15 8.64 17.19 3.06
C ALA A 15 8.39 15.72 2.72
N ASN A 16 7.15 15.28 2.91
CA ASN A 16 6.79 13.89 2.62
C ASN A 16 6.71 13.65 1.11
N SER A 17 6.60 12.40 0.72
CA SER A 17 6.52 12.03 -0.69
C SER A 17 5.14 11.49 -1.03
N PRO A 18 4.73 11.59 -2.30
CA PRO A 18 3.41 11.10 -2.76
C PRO A 18 3.17 9.65 -2.36
N PRO A 19 1.89 9.26 -2.22
CA PRO A 19 1.52 7.88 -1.84
C PRO A 19 2.14 6.84 -2.78
N GLU A 20 2.21 7.18 -4.06
CA GLU A 20 2.76 6.28 -5.06
C GLU A 20 4.26 6.09 -4.85
N THR A 21 4.94 7.16 -4.45
CA THR A 21 6.38 7.10 -4.22
C THR A 21 6.68 6.14 -3.09
N GLN A 22 5.95 6.30 -1.99
CA GLN A 22 6.11 5.40 -0.87
C GLN A 22 5.59 4.04 -1.27
N ARG A 23 4.43 4.06 -1.91
CA ARG A 23 3.74 2.86 -2.33
C ARG A 23 4.69 1.69 -2.41
N MET A 24 5.38 1.57 -3.52
CA MET A 24 6.32 0.48 -3.70
C MET A 24 7.38 0.49 -2.60
N MET A 25 7.79 1.68 -2.15
CA MET A 25 8.83 1.78 -1.13
C MET A 25 8.47 1.01 0.15
N LEU A 26 7.28 1.23 0.72
CA LEU A 26 6.89 0.48 1.92
C LEU A 26 6.67 -0.97 1.51
N GLY A 27 5.90 -1.18 0.45
CA GLY A 27 5.65 -2.49 -0.03
C GLY A 27 6.95 -3.20 -0.33
N GLU A 28 7.96 -2.46 -0.72
CA GLU A 28 9.25 -3.08 -0.97
C GLU A 28 9.69 -3.85 0.27
N ASN A 29 9.58 -3.20 1.43
CA ASN A 29 9.95 -3.85 2.68
C ASN A 29 8.74 -4.50 3.35
N LEU A 30 7.64 -3.79 3.35
CA LEU A 30 6.41 -4.28 3.96
C LEU A 30 5.71 -5.31 3.08
N TYR A 31 5.66 -5.09 1.76
CA TYR A 31 5.01 -6.04 0.87
C TYR A 31 5.54 -7.43 1.14
N PRO A 32 6.86 -7.62 1.19
CA PRO A 32 7.39 -8.94 1.50
C PRO A 32 6.80 -9.42 2.83
N LEU A 33 6.55 -8.48 3.74
CA LEU A 33 5.95 -8.82 5.02
C LEU A 33 4.45 -9.01 4.87
N VAL A 34 3.83 -8.02 4.21
CA VAL A 34 2.40 -8.05 3.97
C VAL A 34 2.07 -8.99 2.86
N ASP A 35 2.77 -8.85 1.74
CA ASP A 35 2.57 -9.73 0.58
C ASP A 35 2.16 -11.13 1.04
N GLN A 36 0.87 -11.34 1.25
CA GLN A 36 0.34 -12.61 1.72
C GLN A 36 0.62 -13.75 0.73
N LEU A 37 0.16 -13.59 -0.49
CA LEU A 37 0.35 -14.62 -1.51
C LEU A 37 1.62 -14.36 -2.32
N GLU A 38 1.80 -15.14 -3.39
CA GLU A 38 2.97 -15.01 -4.25
C GLU A 38 2.73 -14.02 -5.38
N HIS A 39 3.68 -13.08 -5.53
CA HIS A 39 3.63 -12.04 -6.56
C HIS A 39 2.65 -12.36 -7.69
N ASP A 40 1.42 -11.86 -7.53
CA ASP A 40 0.36 -12.05 -8.51
C ASP A 40 -0.86 -11.28 -8.05
N GLN A 41 -1.54 -11.82 -7.04
CA GLN A 41 -2.69 -11.16 -6.45
C GLN A 41 -2.29 -10.52 -5.13
N ALA A 42 -1.22 -11.07 -4.54
CA ALA A 42 -0.68 -10.57 -3.27
C ALA A 42 -0.16 -9.15 -3.41
N ALA A 43 0.56 -8.90 -4.51
CA ALA A 43 1.12 -7.58 -4.76
C ALA A 43 0.03 -6.57 -5.08
N LYS A 44 -1.03 -7.05 -5.71
CA LYS A 44 -2.13 -6.18 -6.08
C LYS A 44 -2.89 -5.68 -4.86
N VAL A 45 -3.28 -6.57 -3.96
CA VAL A 45 -4.03 -6.15 -2.78
C VAL A 45 -3.20 -5.37 -1.76
N THR A 46 -2.04 -5.91 -1.36
CA THR A 46 -1.22 -5.26 -0.35
C THR A 46 -0.54 -3.98 -0.81
N GLY A 47 0.20 -4.07 -1.89
CA GLY A 47 0.92 -2.92 -2.38
C GLY A 47 0.08 -1.88 -3.13
N MET A 48 -1.04 -2.26 -3.73
CA MET A 48 -1.86 -1.28 -4.45
C MET A 48 -2.40 -0.24 -3.49
N LEU A 49 -2.94 -0.70 -2.38
CA LEU A 49 -3.48 0.18 -1.36
C LEU A 49 -2.40 1.11 -0.83
N LEU A 50 -1.14 0.77 -1.08
CA LEU A 50 -0.03 1.56 -0.61
C LEU A 50 -0.12 3.01 -1.08
N GLU A 51 -0.92 3.27 -2.10
CA GLU A 51 -1.11 4.63 -2.61
C GLU A 51 -2.58 4.95 -2.84
N MET A 52 -3.45 3.96 -2.64
CA MET A 52 -4.89 4.17 -2.82
C MET A 52 -5.46 5.00 -1.68
N ASP A 53 -5.52 4.41 -0.49
CA ASP A 53 -6.05 5.08 0.69
C ASP A 53 -4.99 5.16 1.79
N GLN A 54 -4.84 6.35 2.38
CA GLN A 54 -3.86 6.55 3.44
C GLN A 54 -4.05 5.55 4.58
N THR A 55 -5.31 5.28 4.92
CA THR A 55 -5.63 4.33 5.97
C THR A 55 -5.30 2.91 5.53
N GLU A 56 -5.55 2.62 4.25
CA GLU A 56 -5.28 1.31 3.70
C GLU A 56 -3.77 1.08 3.54
N VAL A 57 -3.05 2.08 3.02
CA VAL A 57 -1.61 1.95 2.84
C VAL A 57 -0.94 1.67 4.18
N LEU A 58 -1.34 2.43 5.19
CA LEU A 58 -0.79 2.27 6.52
C LEU A 58 -1.15 0.90 7.08
N HIS A 59 -2.42 0.53 6.95
CA HIS A 59 -2.93 -0.74 7.45
C HIS A 59 -2.43 -1.96 6.66
N LEU A 60 -2.51 -1.89 5.33
CA LEU A 60 -2.14 -3.03 4.48
C LEU A 60 -0.67 -3.42 4.59
N LEU A 61 0.24 -2.45 4.58
CA LEU A 61 1.67 -2.78 4.66
C LEU A 61 2.18 -2.63 6.09
N GLU A 62 1.34 -3.02 7.06
CA GLU A 62 1.70 -2.95 8.47
C GLU A 62 0.92 -3.95 9.31
N SER A 63 -0.40 -4.01 9.10
CA SER A 63 -1.25 -4.92 9.87
C SER A 63 -1.65 -6.14 9.04
N PRO A 64 -1.90 -7.28 9.72
CA PRO A 64 -2.31 -8.52 9.05
C PRO A 64 -3.79 -8.53 8.70
N ASP A 65 -4.59 -7.88 9.53
CA ASP A 65 -6.03 -7.80 9.32
C ASP A 65 -6.36 -6.93 8.12
N ALA A 66 -5.43 -6.03 7.80
CA ALA A 66 -5.61 -5.12 6.68
C ALA A 66 -5.68 -5.86 5.35
N LEU A 67 -4.89 -6.92 5.24
CA LEU A 67 -4.84 -7.73 4.03
C LEU A 67 -6.21 -8.34 3.71
N LYS A 68 -6.86 -8.88 4.73
CA LYS A 68 -8.18 -9.50 4.58
C LYS A 68 -9.20 -8.53 3.95
N ALA A 69 -9.08 -7.26 4.30
CA ALA A 69 -10.00 -6.24 3.83
C ALA A 69 -9.91 -5.97 2.33
N LYS A 70 -8.72 -5.70 1.85
CA LYS A 70 -8.51 -5.37 0.44
C LYS A 70 -8.50 -6.61 -0.43
N VAL A 71 -8.00 -7.71 0.12
CA VAL A 71 -7.93 -8.96 -0.63
C VAL A 71 -9.31 -9.40 -1.10
N ALA A 72 -10.28 -9.40 -0.19
CA ALA A 72 -11.64 -9.80 -0.53
C ALA A 72 -12.20 -8.95 -1.66
N GLU A 73 -12.02 -7.64 -1.56
CA GLU A 73 -12.51 -6.71 -2.58
C GLU A 73 -11.69 -6.80 -3.86
N ALA A 74 -10.37 -6.71 -3.72
CA ALA A 74 -9.47 -6.76 -4.87
C ALA A 74 -9.50 -8.11 -5.57
N MET A 75 -9.33 -9.19 -4.80
CA MET A 75 -9.34 -10.53 -5.36
C MET A 75 -10.64 -10.82 -6.08
N GLU A 76 -11.71 -10.15 -5.67
CA GLU A 76 -13.02 -10.34 -6.28
C GLU A 76 -13.01 -9.95 -7.75
N VAL A 77 -12.34 -8.84 -8.06
CA VAL A 77 -12.27 -8.35 -9.44
C VAL A 77 -11.31 -9.17 -10.29
N LEU A 78 -10.21 -9.64 -9.70
CA LEU A 78 -9.23 -10.43 -10.44
C LEU A 78 -9.57 -11.91 -10.37
N ARG A 79 -9.47 -12.48 -9.16
CA ARG A 79 -9.76 -13.88 -8.96
C ARG A 79 -11.21 -14.20 -9.32
N SER A 80 -12.10 -13.23 -9.12
CA SER A 80 -13.52 -13.43 -9.43
C SER A 80 -13.96 -12.50 -10.54
N ALA A 81 -15.27 -12.40 -10.74
CA ALA A 81 -15.84 -11.54 -11.78
C ALA A 81 -15.42 -10.09 -11.58
N GLN A 82 -15.51 -9.29 -12.63
CA GLN A 82 -15.14 -7.89 -12.58
C GLN A 82 -16.17 -7.02 -13.29
N GLN A 83 -16.12 -5.72 -13.03
CA GLN A 83 -17.05 -4.78 -13.65
C GLN A 83 -16.32 -3.88 -14.65
N HIS A 84 -15.05 -3.61 -14.37
CA HIS A 84 -14.25 -2.75 -15.25
C HIS A 84 -14.84 -1.35 -15.34
N THR A 85 -14.46 -0.49 -14.41
CA THR A 85 -14.95 0.88 -14.39
C THR A 85 -13.84 1.85 -13.99
N GLY A 1 23.90 16.68 -2.59
CA GLY A 1 23.14 15.40 -2.53
C GLY A 1 23.32 14.68 -1.21
N PRO A 2 22.95 13.39 -1.14
CA PRO A 2 23.08 12.59 0.08
C PRO A 2 24.48 12.65 0.67
N LEU A 3 24.56 12.66 2.00
CA LEU A 3 25.85 12.72 2.68
C LEU A 3 25.93 11.66 3.77
N GLY A 4 24.88 11.54 4.57
CA GLY A 4 24.86 10.56 5.64
C GLY A 4 24.00 11.00 6.80
N SER A 5 23.91 12.31 7.02
CA SER A 5 23.11 12.85 8.11
C SER A 5 21.63 12.85 7.75
N PRO A 6 20.79 12.13 8.53
CA PRO A 6 19.34 12.06 8.27
C PRO A 6 18.65 13.38 8.56
N ILE A 7 19.20 14.16 9.48
CA ILE A 7 18.63 15.45 9.85
C ILE A 7 19.29 16.58 9.07
N GLY A 8 19.62 16.32 7.82
CA GLY A 8 20.25 17.34 6.99
C GLY A 8 20.11 17.04 5.51
N ALA A 9 20.96 16.15 5.01
CA ALA A 9 20.93 15.78 3.59
C ALA A 9 19.58 15.18 3.22
N LEU A 10 18.97 14.47 4.14
CA LEU A 10 17.67 13.84 3.91
C LEU A 10 16.59 14.90 3.74
N ALA A 11 16.62 15.93 4.58
CA ALA A 11 15.65 17.00 4.53
C ALA A 11 14.24 16.49 4.82
N SER A 12 13.46 17.29 5.53
CA SER A 12 12.09 16.91 5.87
C SER A 12 11.18 16.97 4.65
N ALA A 13 11.45 17.92 3.76
CA ALA A 13 10.67 18.06 2.54
C ALA A 13 10.75 16.82 1.68
N LEU A 14 11.96 16.27 1.56
CA LEU A 14 12.18 15.07 0.75
C LEU A 14 11.78 13.82 1.53
N ALA A 15 11.84 13.90 2.85
CA ALA A 15 11.49 12.77 3.71
C ALA A 15 10.05 12.33 3.47
N ASN A 16 9.24 13.23 2.94
CA ASN A 16 7.83 12.91 2.67
C ASN A 16 7.55 12.96 1.16
N SER A 17 7.29 11.78 0.58
CA SER A 17 7.01 11.68 -0.84
C SER A 17 5.56 11.26 -1.08
N PRO A 18 5.04 11.50 -2.30
CA PRO A 18 3.66 11.15 -2.65
C PRO A 18 3.32 9.72 -2.26
N PRO A 19 2.01 9.39 -2.18
CA PRO A 19 1.55 8.05 -1.81
C PRO A 19 2.03 6.99 -2.79
N GLU A 20 2.05 7.33 -4.07
CA GLU A 20 2.48 6.41 -5.12
C GLU A 20 3.98 6.13 -5.01
N THR A 21 4.75 7.16 -4.64
CA THR A 21 6.19 7.02 -4.51
C THR A 21 6.51 6.02 -3.41
N GLN A 22 5.86 6.20 -2.27
CA GLN A 22 6.04 5.27 -1.17
C GLN A 22 5.43 3.94 -1.55
N ARG A 23 4.20 4.03 -2.06
CA ARG A 23 3.44 2.86 -2.45
C ARG A 23 4.33 1.66 -2.68
N MET A 24 4.84 1.51 -3.87
CA MET A 24 5.71 0.38 -4.17
C MET A 24 6.94 0.38 -3.26
N MET A 25 7.44 1.56 -2.90
CA MET A 25 8.62 1.66 -2.05
C MET A 25 8.43 0.95 -0.72
N LEU A 26 7.34 1.23 0.00
CA LEU A 26 7.09 0.54 1.26
C LEU A 26 6.77 -0.92 0.97
N GLY A 27 5.85 -1.16 0.03
CA GLY A 27 5.52 -2.50 -0.35
C GLY A 27 6.76 -3.24 -0.75
N GLU A 28 7.77 -2.54 -1.24
CA GLU A 28 9.00 -3.21 -1.59
C GLU A 28 9.53 -3.97 -0.37
N ASN A 29 9.52 -3.28 0.78
CA ASN A 29 9.99 -3.88 2.03
C ASN A 29 8.86 -4.46 2.87
N LEU A 30 7.80 -3.68 3.06
CA LEU A 30 6.68 -4.13 3.86
C LEU A 30 5.73 -5.03 3.07
N TYR A 31 5.60 -4.83 1.75
CA TYR A 31 4.72 -5.69 0.95
C TYR A 31 5.20 -7.12 1.05
N PRO A 32 6.52 -7.40 0.92
CA PRO A 32 6.99 -8.76 1.09
C PRO A 32 6.55 -9.24 2.46
N LEU A 33 6.45 -8.29 3.40
CA LEU A 33 6.00 -8.61 4.73
C LEU A 33 4.50 -8.85 4.71
N VAL A 34 3.77 -7.97 4.01
CA VAL A 34 2.34 -8.13 3.88
C VAL A 34 2.05 -9.25 2.93
N ASP A 35 2.73 -9.17 1.78
CA ASP A 35 2.63 -10.18 0.73
C ASP A 35 2.17 -11.53 1.26
N GLN A 36 0.88 -11.67 1.49
CA GLN A 36 0.30 -12.91 2.01
C GLN A 36 0.50 -14.08 1.06
N LEU A 37 0.08 -13.90 -0.18
CA LEU A 37 0.21 -14.94 -1.19
C LEU A 37 1.30 -14.61 -2.20
N GLU A 38 1.23 -15.24 -3.37
CA GLU A 38 2.23 -15.00 -4.41
C GLU A 38 2.04 -13.60 -5.01
N HIS A 39 3.09 -13.10 -5.64
CA HIS A 39 3.06 -11.78 -6.27
C HIS A 39 1.78 -11.56 -7.08
N ASP A 40 1.18 -12.65 -7.54
CA ASP A 40 -0.05 -12.58 -8.33
C ASP A 40 -1.05 -11.60 -7.73
N GLN A 41 -1.56 -11.92 -6.54
CA GLN A 41 -2.53 -11.07 -5.88
C GLN A 41 -1.96 -10.46 -4.59
N ALA A 42 -0.82 -10.99 -4.14
CA ALA A 42 -0.20 -10.49 -2.91
C ALA A 42 0.25 -9.04 -3.06
N ALA A 43 0.87 -8.73 -4.18
CA ALA A 43 1.35 -7.38 -4.45
C ALA A 43 0.21 -6.44 -4.79
N LYS A 44 -0.82 -7.00 -5.42
CA LYS A 44 -1.97 -6.21 -5.83
C LYS A 44 -2.77 -5.67 -4.64
N VAL A 45 -3.10 -6.52 -3.67
CA VAL A 45 -3.92 -6.07 -2.54
C VAL A 45 -3.20 -5.12 -1.59
N THR A 46 -2.03 -5.52 -1.08
CA THR A 46 -1.31 -4.68 -0.13
C THR A 46 -0.70 -3.43 -0.72
N GLY A 47 0.05 -3.65 -1.79
CA GLY A 47 0.77 -2.57 -2.42
C GLY A 47 -0.09 -1.59 -3.22
N MET A 48 -1.25 -2.04 -3.71
CA MET A 48 -2.12 -1.14 -4.47
C MET A 48 -2.67 -0.06 -3.55
N LEU A 49 -3.17 -0.51 -2.40
CA LEU A 49 -3.73 0.38 -1.39
C LEU A 49 -2.64 1.27 -0.80
N LEU A 50 -1.38 0.90 -1.02
CA LEU A 50 -0.27 1.66 -0.48
C LEU A 50 -0.34 3.14 -0.89
N GLU A 51 -1.12 3.44 -1.93
CA GLU A 51 -1.27 4.82 -2.38
C GLU A 51 -2.74 5.22 -2.53
N MET A 52 -3.64 4.26 -2.38
CA MET A 52 -5.07 4.54 -2.50
C MET A 52 -5.56 5.37 -1.31
N ASP A 53 -5.77 4.71 -0.18
CA ASP A 53 -6.24 5.40 1.02
C ASP A 53 -5.15 5.40 2.09
N GLN A 54 -4.98 6.55 2.75
CA GLN A 54 -3.96 6.69 3.79
C GLN A 54 -4.15 5.65 4.89
N THR A 55 -5.39 5.38 5.25
CA THR A 55 -5.70 4.41 6.29
C THR A 55 -5.39 3.00 5.78
N GLU A 56 -5.68 2.76 4.51
CA GLU A 56 -5.45 1.46 3.90
C GLU A 56 -3.95 1.22 3.68
N VAL A 57 -3.24 2.22 3.17
CA VAL A 57 -1.81 2.09 2.95
C VAL A 57 -1.10 1.74 4.25
N LEU A 58 -1.47 2.46 5.29
CA LEU A 58 -0.89 2.24 6.60
C LEU A 58 -1.25 0.85 7.13
N HIS A 59 -2.52 0.49 6.99
CA HIS A 59 -3.01 -0.79 7.46
C HIS A 59 -2.51 -1.99 6.65
N LEU A 60 -2.61 -1.92 5.32
CA LEU A 60 -2.21 -3.03 4.46
C LEU A 60 -0.74 -3.43 4.61
N LEU A 61 0.14 -2.44 4.65
CA LEU A 61 1.57 -2.73 4.78
C LEU A 61 2.05 -2.56 6.21
N GLU A 62 1.21 -2.95 7.17
CA GLU A 62 1.55 -2.86 8.59
C GLU A 62 0.72 -3.83 9.43
N SER A 63 -0.60 -3.87 9.19
CA SER A 63 -1.48 -4.73 9.95
C SER A 63 -1.85 -6.01 9.19
N PRO A 64 -2.27 -7.06 9.91
CA PRO A 64 -2.63 -8.34 9.30
C PRO A 64 -4.08 -8.35 8.82
N ASP A 65 -4.98 -7.76 9.60
CA ASP A 65 -6.38 -7.69 9.23
C ASP A 65 -6.59 -6.84 7.99
N ALA A 66 -5.61 -5.99 7.70
CA ALA A 66 -5.68 -5.11 6.56
C ALA A 66 -5.68 -5.91 5.26
N LEU A 67 -4.94 -7.01 5.26
CA LEU A 67 -4.86 -7.88 4.10
C LEU A 67 -6.21 -8.53 3.81
N LYS A 68 -6.84 -9.05 4.85
CA LYS A 68 -8.14 -9.71 4.73
C LYS A 68 -9.18 -8.79 4.12
N ALA A 69 -9.10 -7.51 4.45
CA ALA A 69 -10.06 -6.53 3.96
C ALA A 69 -9.99 -6.28 2.46
N LYS A 70 -8.80 -6.00 1.97
CA LYS A 70 -8.60 -5.70 0.55
C LYS A 70 -8.56 -6.96 -0.30
N VAL A 71 -8.02 -8.03 0.27
CA VAL A 71 -7.92 -9.28 -0.47
C VAL A 71 -9.30 -9.74 -0.95
N ALA A 72 -10.28 -9.69 -0.07
CA ALA A 72 -11.64 -10.11 -0.43
C ALA A 72 -12.16 -9.28 -1.60
N GLU A 73 -11.98 -7.96 -1.51
CA GLU A 73 -12.44 -7.04 -2.56
C GLU A 73 -11.56 -7.13 -3.81
N ALA A 74 -10.25 -7.03 -3.62
CA ALA A 74 -9.31 -7.06 -4.73
C ALA A 74 -9.29 -8.41 -5.45
N MET A 75 -9.28 -9.50 -4.68
CA MET A 75 -9.26 -10.83 -5.26
C MET A 75 -10.46 -11.05 -6.19
N GLU A 76 -11.56 -10.38 -5.89
CA GLU A 76 -12.76 -10.50 -6.70
C GLU A 76 -12.49 -9.99 -8.12
N VAL A 77 -11.90 -8.81 -8.21
CA VAL A 77 -11.58 -8.22 -9.51
C VAL A 77 -10.36 -8.90 -10.13
N LEU A 78 -9.40 -9.28 -9.28
CA LEU A 78 -8.19 -9.93 -9.74
C LEU A 78 -8.44 -11.39 -10.11
N ARG A 79 -8.61 -12.23 -9.11
CA ARG A 79 -8.84 -13.64 -9.29
C ARG A 79 -10.13 -13.88 -10.07
N SER A 80 -11.11 -13.01 -9.89
CA SER A 80 -12.39 -13.13 -10.58
C SER A 80 -12.64 -11.94 -11.50
N ALA A 81 -13.87 -11.79 -11.97
CA ALA A 81 -14.22 -10.70 -12.86
C ALA A 81 -15.61 -10.15 -12.53
N GLN A 82 -15.78 -8.85 -12.70
CA GLN A 82 -17.06 -8.19 -12.43
C GLN A 82 -17.26 -6.99 -13.34
N GLN A 83 -16.29 -6.08 -13.32
CA GLN A 83 -16.34 -4.87 -14.13
C GLN A 83 -17.73 -4.24 -14.14
N HIS A 84 -18.20 -3.83 -12.96
CA HIS A 84 -19.51 -3.22 -12.82
C HIS A 84 -19.43 -1.94 -11.99
N THR A 85 -19.96 -0.85 -12.53
CA THR A 85 -19.95 0.43 -11.84
C THR A 85 -21.33 1.10 -11.91
N GLY A 1 14.25 26.87 12.45
CA GLY A 1 13.11 26.48 13.33
C GLY A 1 11.80 27.10 12.89
N PRO A 2 11.18 26.60 11.82
CA PRO A 2 9.91 27.13 11.31
C PRO A 2 8.75 26.84 12.26
N LEU A 3 8.65 25.60 12.72
CA LEU A 3 7.58 25.21 13.64
C LEU A 3 8.16 24.78 14.98
N GLY A 4 9.24 24.00 14.93
CA GLY A 4 9.87 23.53 16.15
C GLY A 4 10.97 22.52 15.89
N SER A 5 10.59 21.33 15.45
CA SER A 5 11.55 20.27 15.17
C SER A 5 12.24 20.52 13.83
N PRO A 6 13.35 19.82 13.57
CA PRO A 6 14.11 19.97 12.31
C PRO A 6 13.22 19.85 11.09
N ILE A 7 12.40 18.80 11.05
CA ILE A 7 11.50 18.57 9.93
C ILE A 7 10.43 19.65 9.85
N GLY A 8 10.12 20.08 8.63
CA GLY A 8 9.12 21.11 8.44
C GLY A 8 9.33 21.92 7.18
N ALA A 9 9.38 23.24 7.32
CA ALA A 9 9.58 24.12 6.18
C ALA A 9 10.90 23.82 5.49
N LEU A 10 11.88 23.36 6.26
CA LEU A 10 13.20 23.04 5.72
C LEU A 10 13.09 21.98 4.62
N ALA A 11 12.23 21.00 4.84
CA ALA A 11 12.03 19.92 3.87
C ALA A 11 10.76 19.13 4.18
N SER A 12 9.61 19.78 3.97
CA SER A 12 8.32 19.14 4.23
C SER A 12 8.01 18.08 3.18
N ALA A 13 8.10 18.46 1.92
CA ALA A 13 7.83 17.54 0.82
C ALA A 13 8.80 16.36 0.82
N LEU A 14 10.07 16.66 1.06
CA LEU A 14 11.10 15.64 1.10
C LEU A 14 10.83 14.62 2.21
N ALA A 15 10.39 15.12 3.35
CA ALA A 15 10.09 14.27 4.50
C ALA A 15 9.03 13.23 4.16
N ASN A 16 8.23 13.50 3.13
CA ASN A 16 7.17 12.58 2.73
C ASN A 16 6.87 12.71 1.23
N SER A 17 7.11 11.63 0.49
CA SER A 17 6.86 11.62 -0.94
C SER A 17 5.43 11.17 -1.23
N PRO A 18 4.92 11.47 -2.44
CA PRO A 18 3.56 11.10 -2.84
C PRO A 18 3.22 9.66 -2.47
N PRO A 19 1.93 9.36 -2.26
CA PRO A 19 1.48 8.01 -1.89
C PRO A 19 1.95 6.96 -2.87
N GLU A 20 1.96 7.31 -4.16
CA GLU A 20 2.38 6.39 -5.21
C GLU A 20 3.88 6.12 -5.11
N THR A 21 4.64 7.15 -4.74
CA THR A 21 6.09 7.02 -4.61
C THR A 21 6.41 6.04 -3.51
N GLN A 22 5.76 6.20 -2.37
CA GLN A 22 5.95 5.28 -1.27
C GLN A 22 5.34 3.96 -1.64
N ARG A 23 4.13 4.04 -2.20
CA ARG A 23 3.37 2.87 -2.59
C ARG A 23 4.27 1.67 -2.78
N MET A 24 4.78 1.50 -3.99
CA MET A 24 5.65 0.38 -4.26
C MET A 24 6.87 0.39 -3.33
N MET A 25 7.36 1.58 -2.99
CA MET A 25 8.54 1.69 -2.14
C MET A 25 8.36 0.98 -0.80
N LEU A 26 7.26 1.26 -0.08
CA LEU A 26 7.03 0.57 1.19
C LEU A 26 6.72 -0.89 0.91
N GLY A 27 5.80 -1.13 -0.02
CA GLY A 27 5.46 -2.47 -0.39
C GLY A 27 6.71 -3.21 -0.83
N GLU A 28 7.69 -2.50 -1.34
CA GLU A 28 8.92 -3.15 -1.73
C GLU A 28 9.48 -3.90 -0.53
N ASN A 29 9.50 -3.22 0.62
CA ASN A 29 10.01 -3.82 1.86
C ASN A 29 8.89 -4.40 2.72
N LEU A 30 7.82 -3.63 2.92
CA LEU A 30 6.72 -4.09 3.75
C LEU A 30 5.74 -4.99 2.98
N TYR A 31 5.64 -4.84 1.66
CA TYR A 31 4.75 -5.70 0.88
C TYR A 31 5.24 -7.12 0.97
N PRO A 32 6.55 -7.39 0.78
CA PRO A 32 7.04 -8.75 0.92
C PRO A 32 6.70 -9.23 2.32
N LEU A 33 6.64 -8.29 3.26
CA LEU A 33 6.29 -8.63 4.63
C LEU A 33 4.80 -8.87 4.70
N VAL A 34 4.04 -7.96 4.08
CA VAL A 34 2.61 -8.10 4.06
C VAL A 34 2.19 -9.16 3.09
N ASP A 35 2.75 -9.06 1.88
CA ASP A 35 2.51 -10.04 0.81
C ASP A 35 1.89 -11.34 1.35
N GLN A 36 0.60 -11.32 1.62
CA GLN A 36 -0.09 -12.50 2.16
C GLN A 36 -0.06 -13.67 1.19
N LEU A 37 -0.56 -13.45 -0.01
CA LEU A 37 -0.61 -14.49 -1.03
C LEU A 37 0.66 -14.48 -1.88
N GLU A 38 0.58 -15.06 -3.08
CA GLU A 38 1.73 -15.10 -3.98
C GLU A 38 2.01 -13.72 -4.54
N HIS A 39 3.21 -13.54 -5.08
CA HIS A 39 3.61 -12.25 -5.66
C HIS A 39 2.54 -11.68 -6.58
N ASP A 40 1.69 -12.55 -7.12
CA ASP A 40 0.63 -12.13 -8.03
C ASP A 40 -0.33 -11.12 -7.37
N GLN A 41 -1.29 -11.63 -6.60
CA GLN A 41 -2.28 -10.78 -5.96
C GLN A 41 -1.74 -10.13 -4.69
N ALA A 42 -0.78 -10.78 -4.05
CA ALA A 42 -0.19 -10.25 -2.81
C ALA A 42 0.26 -8.81 -2.98
N ALA A 43 0.91 -8.53 -4.10
CA ALA A 43 1.41 -7.20 -4.39
C ALA A 43 0.28 -6.25 -4.74
N LYS A 44 -0.76 -6.80 -5.35
CA LYS A 44 -1.91 -5.99 -5.76
C LYS A 44 -2.73 -5.50 -4.58
N VAL A 45 -3.11 -6.38 -3.66
CA VAL A 45 -3.93 -5.95 -2.53
C VAL A 45 -3.18 -5.07 -1.51
N THR A 46 -2.02 -5.52 -1.04
CA THR A 46 -1.26 -4.74 -0.07
C THR A 46 -0.62 -3.49 -0.65
N GLY A 47 0.08 -3.69 -1.76
CA GLY A 47 0.81 -2.61 -2.39
C GLY A 47 -0.04 -1.60 -3.16
N MET A 48 -1.23 -1.99 -3.64
CA MET A 48 -2.07 -1.04 -4.38
C MET A 48 -2.61 0.02 -3.42
N LEU A 49 -3.15 -0.44 -2.30
CA LEU A 49 -3.68 0.44 -1.27
C LEU A 49 -2.59 1.34 -0.70
N LEU A 50 -1.34 0.96 -0.95
CA LEU A 50 -0.20 1.71 -0.44
C LEU A 50 -0.27 3.19 -0.85
N GLU A 51 -1.05 3.50 -1.88
CA GLU A 51 -1.20 4.88 -2.34
C GLU A 51 -2.67 5.31 -2.35
N MET A 52 -3.57 4.34 -2.47
CA MET A 52 -5.00 4.64 -2.49
C MET A 52 -5.42 5.45 -1.27
N ASP A 53 -5.46 4.79 -0.11
CA ASP A 53 -5.84 5.46 1.13
C ASP A 53 -4.71 5.42 2.15
N GLN A 54 -4.48 6.55 2.82
CA GLN A 54 -3.43 6.64 3.83
C GLN A 54 -3.67 5.63 4.95
N THR A 55 -4.94 5.42 5.27
CA THR A 55 -5.32 4.47 6.31
C THR A 55 -5.09 3.05 5.84
N GLU A 56 -5.48 2.77 4.59
CA GLU A 56 -5.32 1.44 4.01
C GLU A 56 -3.85 1.10 3.79
N VAL A 57 -3.09 2.06 3.26
CA VAL A 57 -1.67 1.85 3.01
C VAL A 57 -0.97 1.46 4.30
N LEU A 58 -1.26 2.19 5.36
CA LEU A 58 -0.67 1.94 6.66
C LEU A 58 -1.10 0.57 7.19
N HIS A 59 -2.40 0.31 7.09
CA HIS A 59 -2.97 -0.95 7.57
C HIS A 59 -2.58 -2.16 6.72
N LEU A 60 -2.68 -2.03 5.39
CA LEU A 60 -2.38 -3.13 4.48
C LEU A 60 -0.91 -3.57 4.53
N LEU A 61 0.02 -2.62 4.55
CA LEU A 61 1.44 -2.94 4.57
C LEU A 61 1.98 -2.95 6.00
N GLU A 62 1.15 -3.38 6.95
CA GLU A 62 1.55 -3.43 8.36
C GLU A 62 0.75 -4.47 9.15
N SER A 63 -0.57 -4.45 9.01
CA SER A 63 -1.41 -5.38 9.74
C SER A 63 -2.00 -6.47 8.82
N PRO A 64 -2.19 -7.69 9.36
CA PRO A 64 -2.75 -8.81 8.59
C PRO A 64 -4.24 -8.63 8.34
N ASP A 65 -4.98 -8.30 9.40
CA ASP A 65 -6.42 -8.09 9.30
C ASP A 65 -6.73 -7.09 8.19
N ALA A 66 -5.79 -6.19 7.96
CA ALA A 66 -5.93 -5.16 6.94
C ALA A 66 -6.00 -5.80 5.56
N LEU A 67 -5.27 -6.89 5.40
CA LEU A 67 -5.22 -7.62 4.13
C LEU A 67 -6.57 -8.25 3.79
N LYS A 68 -7.22 -8.82 4.80
CA LYS A 68 -8.50 -9.47 4.59
C LYS A 68 -9.51 -8.54 3.92
N ALA A 69 -9.41 -7.26 4.26
CA ALA A 69 -10.32 -6.26 3.71
C ALA A 69 -10.10 -6.02 2.23
N LYS A 70 -8.85 -5.73 1.85
CA LYS A 70 -8.51 -5.45 0.46
C LYS A 70 -8.39 -6.72 -0.36
N VAL A 71 -7.84 -7.77 0.26
CA VAL A 71 -7.65 -9.03 -0.44
C VAL A 71 -8.98 -9.58 -0.97
N ALA A 72 -10.02 -9.50 -0.16
CA ALA A 72 -11.33 -9.99 -0.57
C ALA A 72 -11.89 -9.20 -1.75
N GLU A 73 -11.79 -7.88 -1.66
CA GLU A 73 -12.29 -7.00 -2.72
C GLU A 73 -11.40 -7.06 -3.95
N ALA A 74 -10.09 -6.91 -3.74
CA ALA A 74 -9.14 -6.92 -4.84
C ALA A 74 -9.13 -8.26 -5.57
N MET A 75 -9.04 -9.36 -4.83
CA MET A 75 -9.01 -10.68 -5.41
C MET A 75 -10.27 -10.94 -6.25
N GLU A 76 -11.38 -10.35 -5.84
CA GLU A 76 -12.64 -10.53 -6.54
C GLU A 76 -12.53 -10.08 -7.99
N VAL A 77 -11.91 -8.92 -8.22
CA VAL A 77 -11.76 -8.38 -9.57
C VAL A 77 -10.67 -9.12 -10.36
N LEU A 78 -9.55 -9.42 -9.71
CA LEU A 78 -8.45 -10.10 -10.39
C LEU A 78 -8.63 -11.63 -10.34
N ARG A 79 -8.59 -12.20 -9.15
CA ARG A 79 -8.75 -13.61 -8.97
C ARG A 79 -10.11 -14.08 -9.47
N SER A 80 -11.12 -13.21 -9.35
CA SER A 80 -12.46 -13.54 -9.79
C SER A 80 -12.91 -12.62 -10.92
N ALA A 81 -14.04 -12.96 -11.55
CA ALA A 81 -14.57 -12.15 -12.64
C ALA A 81 -15.03 -10.79 -12.14
N GLN A 82 -15.26 -9.88 -13.08
CA GLN A 82 -15.71 -8.53 -12.74
C GLN A 82 -17.04 -8.57 -11.98
N GLN A 83 -17.06 -8.00 -10.78
CA GLN A 83 -18.26 -7.97 -9.96
C GLN A 83 -18.91 -6.59 -10.00
N HIS A 84 -18.21 -5.59 -9.48
CA HIS A 84 -18.72 -4.23 -9.45
C HIS A 84 -18.81 -3.65 -10.85
N THR A 85 -19.97 -3.10 -11.19
CA THR A 85 -20.20 -2.52 -12.50
C THR A 85 -21.05 -1.25 -12.41
N GLY A 1 -2.45 22.79 6.71
CA GLY A 1 -1.70 24.08 6.75
C GLY A 1 -1.37 24.51 8.17
N PRO A 2 -2.24 25.33 8.79
CA PRO A 2 -2.01 25.82 10.16
C PRO A 2 -2.39 24.78 11.21
N LEU A 3 -1.80 23.59 11.10
CA LEU A 3 -2.07 22.51 12.05
C LEU A 3 -3.58 22.28 12.20
N GLY A 4 -4.32 22.57 11.13
CA GLY A 4 -5.76 22.38 11.17
C GLY A 4 -6.15 20.93 11.34
N SER A 5 -5.89 20.13 10.31
CA SER A 5 -6.22 18.70 10.35
C SER A 5 -4.98 17.87 10.68
N PRO A 6 -5.18 16.68 11.27
CA PRO A 6 -4.07 15.78 11.63
C PRO A 6 -3.22 15.40 10.43
N ILE A 7 -3.78 14.57 9.55
CA ILE A 7 -3.07 14.13 8.37
C ILE A 7 -2.79 15.29 7.42
N GLY A 8 -1.69 15.99 7.66
CA GLY A 8 -1.33 17.12 6.83
C GLY A 8 -0.06 17.81 7.29
N ALA A 9 -0.23 18.92 8.01
CA ALA A 9 0.91 19.67 8.52
C ALA A 9 1.77 18.81 9.44
N LEU A 10 1.14 17.91 10.17
CA LEU A 10 1.85 17.02 11.08
C LEU A 10 2.85 16.15 10.32
N ALA A 11 2.43 15.66 9.16
CA ALA A 11 3.30 14.82 8.34
C ALA A 11 4.02 15.64 7.29
N SER A 12 5.08 16.33 7.71
CA SER A 12 5.87 17.16 6.80
C SER A 12 6.71 16.29 5.87
N ALA A 13 7.47 15.36 6.44
CA ALA A 13 8.32 14.47 5.66
C ALA A 13 7.49 13.61 4.72
N LEU A 14 6.41 13.03 5.25
CA LEU A 14 5.53 12.18 4.45
C LEU A 14 4.91 12.96 3.30
N ALA A 15 4.69 14.26 3.53
CA ALA A 15 4.10 15.12 2.51
C ALA A 15 5.02 15.25 1.30
N ASN A 16 6.33 15.18 1.55
CA ASN A 16 7.31 15.30 0.49
C ASN A 16 7.13 14.20 -0.56
N SER A 17 7.39 12.96 -0.16
CA SER A 17 7.26 11.82 -1.05
C SER A 17 5.79 11.42 -1.19
N PRO A 18 5.21 11.58 -2.40
CA PRO A 18 3.81 11.22 -2.65
C PRO A 18 3.48 9.79 -2.21
N PRO A 19 2.19 9.46 -2.10
CA PRO A 19 1.74 8.12 -1.70
C PRO A 19 2.23 7.03 -2.65
N GLU A 20 2.25 7.36 -3.95
CA GLU A 20 2.69 6.40 -4.96
C GLU A 20 4.18 6.13 -4.84
N THR A 21 4.94 7.15 -4.43
CA THR A 21 6.38 7.00 -4.27
C THR A 21 6.67 5.98 -3.20
N GLN A 22 6.00 6.11 -2.06
CA GLN A 22 6.16 5.15 -0.99
C GLN A 22 5.53 3.85 -1.42
N ARG A 23 4.32 3.98 -1.96
CA ARG A 23 3.54 2.84 -2.40
C ARG A 23 4.40 1.62 -2.64
N MET A 24 4.91 1.46 -3.85
CA MET A 24 5.74 0.33 -4.16
C MET A 24 6.96 0.27 -3.23
N MET A 25 7.48 1.44 -2.86
CA MET A 25 8.67 1.49 -2.01
C MET A 25 8.46 0.74 -0.70
N LEU A 26 7.37 1.03 0.03
CA LEU A 26 7.11 0.30 1.28
C LEU A 26 6.77 -1.13 0.95
N GLY A 27 5.84 -1.33 0.00
CA GLY A 27 5.49 -2.65 -0.41
C GLY A 27 6.72 -3.41 -0.84
N GLU A 28 7.72 -2.71 -1.32
CA GLU A 28 8.94 -3.39 -1.70
C GLU A 28 9.48 -4.18 -0.50
N ASN A 29 9.52 -3.52 0.65
CA ASN A 29 10.00 -4.15 1.88
C ASN A 29 8.86 -4.74 2.71
N LEU A 30 7.83 -3.93 2.96
CA LEU A 30 6.70 -4.39 3.75
C LEU A 30 5.72 -5.26 2.95
N TYR A 31 5.59 -5.04 1.63
CA TYR A 31 4.70 -5.90 0.84
C TYR A 31 5.15 -7.34 0.99
N PRO A 32 6.47 -7.62 0.87
CA PRO A 32 6.94 -8.97 1.09
C PRO A 32 6.45 -9.42 2.45
N LEU A 33 6.32 -8.45 3.36
CA LEU A 33 5.82 -8.72 4.69
C LEU A 33 4.31 -8.94 4.63
N VAL A 34 3.60 -8.08 3.89
CA VAL A 34 2.17 -8.26 3.74
C VAL A 34 1.92 -9.40 2.79
N ASP A 35 2.60 -9.31 1.65
CA ASP A 35 2.53 -10.32 0.59
C ASP A 35 1.95 -11.64 1.09
N GLN A 36 0.64 -11.68 1.27
CA GLN A 36 -0.03 -12.90 1.76
C GLN A 36 0.23 -14.07 0.82
N LEU A 37 0.00 -13.86 -0.47
CA LEU A 37 0.21 -14.91 -1.45
C LEU A 37 1.48 -14.68 -2.25
N GLU A 38 1.66 -15.48 -3.30
CA GLU A 38 2.84 -15.37 -4.16
C GLU A 38 2.72 -14.19 -5.12
N HIS A 39 3.87 -13.61 -5.47
CA HIS A 39 3.93 -12.48 -6.39
C HIS A 39 2.94 -12.62 -7.54
N ASP A 40 1.76 -12.02 -7.35
CA ASP A 40 0.71 -12.06 -8.36
C ASP A 40 -0.46 -11.19 -7.90
N GLN A 41 -1.07 -11.61 -6.79
CA GLN A 41 -2.19 -10.87 -6.22
C GLN A 41 -1.83 -10.36 -4.81
N ALA A 42 -0.71 -10.87 -4.28
CA ALA A 42 -0.25 -10.47 -2.95
C ALA A 42 0.11 -8.99 -2.93
N ALA A 43 0.81 -8.55 -3.97
CA ALA A 43 1.25 -7.16 -4.09
C ALA A 43 0.09 -6.25 -4.44
N LYS A 44 -0.88 -6.79 -5.18
CA LYS A 44 -2.02 -6.00 -5.63
C LYS A 44 -2.85 -5.47 -4.46
N VAL A 45 -3.21 -6.32 -3.50
CA VAL A 45 -4.03 -5.84 -2.39
C VAL A 45 -3.26 -4.95 -1.42
N THR A 46 -2.10 -5.41 -0.95
CA THR A 46 -1.31 -4.63 -0.01
C THR A 46 -0.66 -3.40 -0.62
N GLY A 47 0.02 -3.63 -1.71
CA GLY A 47 0.75 -2.57 -2.37
C GLY A 47 -0.09 -1.56 -3.13
N MET A 48 -1.28 -1.94 -3.59
CA MET A 48 -2.13 -0.99 -4.31
C MET A 48 -2.66 0.07 -3.35
N LEU A 49 -3.17 -0.40 -2.21
CA LEU A 49 -3.68 0.47 -1.17
C LEU A 49 -2.57 1.34 -0.59
N LEU A 50 -1.32 0.96 -0.85
CA LEU A 50 -0.18 1.68 -0.32
C LEU A 50 -0.23 3.17 -0.70
N GLU A 51 -1.01 3.50 -1.73
CA GLU A 51 -1.14 4.90 -2.15
C GLU A 51 -2.60 5.32 -2.28
N MET A 52 -3.53 4.36 -2.16
CA MET A 52 -4.95 4.67 -2.27
C MET A 52 -5.43 5.46 -1.06
N ASP A 53 -5.59 4.79 0.07
CA ASP A 53 -6.05 5.45 1.28
C ASP A 53 -4.96 5.43 2.36
N GLN A 54 -4.77 6.57 3.02
CA GLN A 54 -3.77 6.68 4.07
C GLN A 54 -3.99 5.63 5.15
N THR A 55 -5.25 5.36 5.45
CA THR A 55 -5.61 4.37 6.45
C THR A 55 -5.31 2.96 5.95
N GLU A 56 -5.68 2.69 4.71
CA GLU A 56 -5.46 1.38 4.10
C GLU A 56 -3.97 1.13 3.87
N VAL A 57 -3.27 2.13 3.35
CA VAL A 57 -1.83 1.99 3.09
C VAL A 57 -1.09 1.61 4.37
N LEU A 58 -1.42 2.31 5.45
CA LEU A 58 -0.81 2.07 6.74
C LEU A 58 -1.16 0.68 7.24
N HIS A 59 -2.43 0.32 7.14
CA HIS A 59 -2.93 -0.97 7.61
C HIS A 59 -2.47 -2.15 6.74
N LEU A 60 -2.61 -2.03 5.41
CA LEU A 60 -2.26 -3.12 4.51
C LEU A 60 -0.79 -3.54 4.60
N LEU A 61 0.12 -2.58 4.67
CA LEU A 61 1.54 -2.89 4.74
C LEU A 61 2.06 -2.75 6.17
N GLU A 62 1.24 -3.20 7.13
CA GLU A 62 1.60 -3.15 8.54
C GLU A 62 0.84 -4.19 9.35
N SER A 63 -0.47 -4.31 9.11
CA SER A 63 -1.29 -5.27 9.85
C SER A 63 -1.90 -6.32 8.92
N PRO A 64 -2.14 -7.54 9.43
CA PRO A 64 -2.72 -8.64 8.66
C PRO A 64 -4.22 -8.43 8.41
N ASP A 65 -4.94 -8.04 9.46
CA ASP A 65 -6.38 -7.80 9.35
C ASP A 65 -6.70 -6.87 8.20
N ALA A 66 -5.73 -6.01 7.88
CA ALA A 66 -5.87 -5.06 6.79
C ALA A 66 -6.03 -5.78 5.45
N LEU A 67 -5.35 -6.91 5.32
CA LEU A 67 -5.37 -7.69 4.09
C LEU A 67 -6.76 -8.28 3.82
N LYS A 68 -7.38 -8.83 4.84
CA LYS A 68 -8.69 -9.46 4.69
C LYS A 68 -9.69 -8.50 4.05
N ALA A 69 -9.57 -7.23 4.38
CA ALA A 69 -10.47 -6.20 3.86
C ALA A 69 -10.32 -5.97 2.36
N LYS A 70 -9.09 -5.71 1.95
CA LYS A 70 -8.79 -5.43 0.55
C LYS A 70 -8.72 -6.70 -0.28
N VAL A 71 -8.21 -7.76 0.31
CA VAL A 71 -8.07 -9.03 -0.41
C VAL A 71 -9.42 -9.52 -0.92
N ALA A 72 -10.43 -9.50 -0.06
CA ALA A 72 -11.76 -9.96 -0.46
C ALA A 72 -12.27 -9.15 -1.65
N GLU A 73 -12.13 -7.83 -1.58
CA GLU A 73 -12.58 -6.95 -2.65
C GLU A 73 -11.65 -7.01 -3.87
N ALA A 74 -10.36 -6.87 -3.63
CA ALA A 74 -9.37 -6.88 -4.71
C ALA A 74 -9.23 -8.25 -5.37
N MET A 75 -9.01 -9.29 -4.57
CA MET A 75 -8.85 -10.64 -5.10
C MET A 75 -10.09 -11.06 -5.90
N GLU A 76 -11.22 -10.45 -5.60
CA GLU A 76 -12.45 -10.77 -6.30
C GLU A 76 -12.43 -10.23 -7.72
N VAL A 77 -11.89 -9.03 -7.89
CA VAL A 77 -11.83 -8.39 -9.21
C VAL A 77 -10.74 -8.99 -10.09
N LEU A 78 -9.61 -9.38 -9.50
CA LEU A 78 -8.51 -9.95 -10.28
C LEU A 78 -8.68 -11.45 -10.49
N ARG A 79 -8.60 -12.22 -9.41
CA ARG A 79 -8.74 -13.65 -9.47
C ARG A 79 -10.08 -14.06 -10.06
N SER A 80 -11.12 -13.27 -9.82
CA SER A 80 -12.45 -13.57 -10.33
C SER A 80 -12.83 -12.63 -11.47
N ALA A 81 -12.84 -11.33 -11.18
CA ALA A 81 -13.19 -10.32 -12.17
C ALA A 81 -14.63 -10.49 -12.64
N GLN A 82 -15.56 -9.85 -11.94
CA GLN A 82 -16.98 -9.93 -12.28
C GLN A 82 -17.48 -8.58 -12.78
N GLN A 83 -16.95 -7.50 -12.21
CA GLN A 83 -17.36 -6.15 -12.60
C GLN A 83 -17.02 -5.88 -14.07
N HIS A 84 -18.05 -5.71 -14.88
CA HIS A 84 -17.85 -5.44 -16.31
C HIS A 84 -19.19 -5.19 -17.00
N THR A 85 -19.47 -3.92 -17.27
CA THR A 85 -20.72 -3.55 -17.94
C THR A 85 -20.59 -2.19 -18.61
N GLY A 1 17.95 15.92 9.57
CA GLY A 1 16.50 16.22 9.56
C GLY A 1 15.66 15.00 9.28
N PRO A 2 15.46 14.65 7.99
CA PRO A 2 14.66 13.48 7.60
C PRO A 2 15.34 12.17 7.96
N LEU A 3 14.56 11.23 8.51
CA LEU A 3 15.09 9.93 8.90
C LEU A 3 16.19 10.08 9.95
N GLY A 4 15.79 10.22 11.20
CA GLY A 4 16.75 10.37 12.28
C GLY A 4 16.12 10.90 13.55
N SER A 5 15.70 12.17 13.51
CA SER A 5 15.08 12.80 14.66
C SER A 5 13.55 12.64 14.62
N PRO A 6 12.89 12.75 15.78
CA PRO A 6 11.43 12.61 15.87
C PRO A 6 10.71 13.55 14.90
N ILE A 7 10.92 14.84 15.07
CA ILE A 7 10.29 15.84 14.21
C ILE A 7 10.74 15.67 12.75
N GLY A 8 10.09 14.78 12.03
CA GLY A 8 10.43 14.54 10.65
C GLY A 8 9.97 13.18 10.15
N ALA A 9 10.82 12.17 10.36
CA ALA A 9 10.49 10.81 9.94
C ALA A 9 9.21 10.32 10.60
N LEU A 10 8.84 10.94 11.71
CA LEU A 10 7.64 10.55 12.45
C LEU A 10 6.40 10.66 11.56
N ALA A 11 6.34 11.71 10.75
CA ALA A 11 5.20 11.92 9.87
C ALA A 11 5.51 12.95 8.78
N SER A 12 6.31 13.96 9.13
CA SER A 12 6.66 15.01 8.18
C SER A 12 7.35 14.44 6.95
N ALA A 13 8.12 13.37 7.16
CA ALA A 13 8.83 12.72 6.06
C ALA A 13 7.86 12.17 5.02
N LEU A 14 6.69 11.73 5.49
CA LEU A 14 5.68 11.17 4.60
C LEU A 14 5.08 12.26 3.71
N ALA A 15 4.82 13.43 4.31
CA ALA A 15 4.25 14.55 3.56
C ALA A 15 5.15 14.96 2.41
N ASN A 16 6.45 14.76 2.58
CA ASN A 16 7.44 15.11 1.56
C ASN A 16 7.16 14.35 0.26
N SER A 17 7.30 13.03 0.32
CA SER A 17 7.07 12.19 -0.85
C SER A 17 5.61 11.75 -0.92
N PRO A 18 5.06 11.63 -2.15
CA PRO A 18 3.67 11.22 -2.36
C PRO A 18 3.44 9.75 -2.00
N PRO A 19 2.18 9.35 -1.79
CA PRO A 19 1.84 7.97 -1.43
C PRO A 19 2.32 6.96 -2.49
N GLU A 20 2.33 7.38 -3.75
CA GLU A 20 2.77 6.52 -4.83
C GLU A 20 4.26 6.23 -4.75
N THR A 21 5.03 7.24 -4.34
CA THR A 21 6.47 7.08 -4.21
C THR A 21 6.78 6.03 -3.16
N GLN A 22 6.14 6.15 -2.01
CA GLN A 22 6.31 5.17 -0.96
C GLN A 22 5.68 3.88 -1.40
N ARG A 23 4.47 4.01 -1.93
CA ARG A 23 3.68 2.87 -2.38
C ARG A 23 4.55 1.67 -2.65
N MET A 24 5.05 1.54 -3.86
CA MET A 24 5.89 0.41 -4.19
C MET A 24 7.11 0.33 -3.27
N MET A 25 7.63 1.49 -2.86
CA MET A 25 8.81 1.51 -2.00
C MET A 25 8.58 0.74 -0.69
N LEU A 26 7.50 1.02 0.03
CA LEU A 26 7.22 0.28 1.26
C LEU A 26 6.87 -1.15 0.91
N GLY A 27 5.94 -1.32 -0.04
CA GLY A 27 5.57 -2.62 -0.48
C GLY A 27 6.78 -3.38 -0.94
N GLU A 28 7.80 -2.70 -1.43
CA GLU A 28 8.98 -3.42 -1.85
C GLU A 28 9.49 -4.24 -0.67
N ASN A 29 9.55 -3.61 0.49
CA ASN A 29 10.02 -4.29 1.70
C ASN A 29 8.86 -4.85 2.51
N LEU A 30 7.85 -4.03 2.76
CA LEU A 30 6.70 -4.46 3.54
C LEU A 30 5.68 -5.25 2.70
N TYR A 31 5.68 -5.09 1.36
CA TYR A 31 4.75 -5.87 0.54
C TYR A 31 5.09 -7.33 0.70
N PRO A 32 6.35 -7.72 0.53
CA PRO A 32 6.72 -9.10 0.71
C PRO A 32 6.34 -9.57 2.11
N LEU A 33 6.38 -8.64 3.08
CA LEU A 33 6.01 -8.98 4.44
C LEU A 33 4.51 -8.99 4.60
N VAL A 34 3.91 -7.90 4.13
CA VAL A 34 2.47 -7.76 4.22
C VAL A 34 1.77 -8.58 3.17
N ASP A 35 2.22 -8.46 1.93
CA ASP A 35 1.64 -9.25 0.86
C ASP A 35 1.44 -10.71 1.31
N GLN A 36 0.26 -11.01 1.84
CA GLN A 36 -0.04 -12.36 2.34
C GLN A 36 -0.45 -13.34 1.23
N LEU A 37 -0.27 -12.95 -0.03
CA LEU A 37 -0.62 -13.83 -1.15
C LEU A 37 0.62 -14.18 -1.97
N GLU A 38 0.40 -14.73 -3.16
CA GLU A 38 1.49 -15.11 -4.03
C GLU A 38 1.79 -14.01 -5.05
N HIS A 39 3.05 -13.90 -5.45
CA HIS A 39 3.48 -12.89 -6.41
C HIS A 39 2.56 -12.83 -7.62
N ASP A 40 1.50 -12.05 -7.50
CA ASP A 40 0.51 -11.89 -8.56
C ASP A 40 -0.62 -10.98 -8.07
N GLN A 41 -1.24 -11.41 -6.97
CA GLN A 41 -2.32 -10.66 -6.35
C GLN A 41 -1.87 -10.14 -4.98
N ALA A 42 -0.78 -10.72 -4.46
CA ALA A 42 -0.24 -10.33 -3.17
C ALA A 42 0.15 -8.86 -3.16
N ALA A 43 0.79 -8.42 -4.23
CA ALA A 43 1.23 -7.04 -4.36
C ALA A 43 0.05 -6.12 -4.64
N LYS A 44 -0.96 -6.64 -5.33
CA LYS A 44 -2.11 -5.84 -5.68
C LYS A 44 -2.88 -5.36 -4.45
N VAL A 45 -3.20 -6.27 -3.52
CA VAL A 45 -3.93 -5.86 -2.32
C VAL A 45 -3.08 -5.04 -1.36
N THR A 46 -1.91 -5.56 -1.01
CA THR A 46 -1.02 -4.89 -0.07
C THR A 46 -0.40 -3.62 -0.63
N GLY A 47 0.18 -3.74 -1.80
CA GLY A 47 0.87 -2.63 -2.43
C GLY A 47 -0.02 -1.58 -3.09
N MET A 48 -1.20 -1.95 -3.58
CA MET A 48 -2.08 -0.97 -4.24
C MET A 48 -2.56 0.06 -3.24
N LEU A 49 -3.03 -0.41 -2.10
CA LEU A 49 -3.52 0.47 -1.05
C LEU A 49 -2.40 1.35 -0.53
N LEU A 50 -1.16 0.99 -0.83
CA LEU A 50 -0.01 1.73 -0.36
C LEU A 50 -0.09 3.21 -0.75
N GLU A 51 -0.91 3.53 -1.75
CA GLU A 51 -1.07 4.93 -2.17
C GLU A 51 -2.55 5.31 -2.30
N MET A 52 -3.44 4.33 -2.14
CA MET A 52 -4.88 4.60 -2.24
C MET A 52 -5.34 5.44 -1.06
N ASP A 53 -5.46 4.81 0.11
CA ASP A 53 -5.90 5.51 1.31
C ASP A 53 -4.81 5.50 2.38
N GLN A 54 -4.67 6.62 3.09
CA GLN A 54 -3.67 6.73 4.15
C GLN A 54 -3.85 5.63 5.19
N THR A 55 -5.11 5.34 5.51
CA THR A 55 -5.42 4.30 6.47
C THR A 55 -5.14 2.92 5.88
N GLU A 56 -5.55 2.74 4.62
CA GLU A 56 -5.35 1.48 3.92
C GLU A 56 -3.88 1.21 3.63
N VAL A 57 -3.15 2.24 3.20
CA VAL A 57 -1.73 2.10 2.90
C VAL A 57 -1.00 1.58 4.14
N LEU A 58 -1.30 2.21 5.27
CA LEU A 58 -0.70 1.82 6.53
C LEU A 58 -1.11 0.41 6.94
N HIS A 59 -2.40 0.13 6.84
CA HIS A 59 -2.96 -1.17 7.21
C HIS A 59 -2.57 -2.30 6.24
N LEU A 60 -2.63 -2.01 4.94
CA LEU A 60 -2.35 -3.02 3.92
C LEU A 60 -0.88 -3.44 3.87
N LEU A 61 0.01 -2.66 4.46
CA LEU A 61 1.44 -3.00 4.47
C LEU A 61 1.98 -2.92 5.90
N GLU A 62 1.16 -3.36 6.84
CA GLU A 62 1.54 -3.36 8.26
C GLU A 62 0.71 -4.38 9.04
N SER A 63 -0.60 -4.41 8.79
CA SER A 63 -1.48 -5.33 9.50
C SER A 63 -2.02 -6.43 8.58
N PRO A 64 -2.20 -7.65 9.11
CA PRO A 64 -2.71 -8.79 8.34
C PRO A 64 -4.22 -8.68 8.11
N ASP A 65 -4.95 -8.44 9.19
CA ASP A 65 -6.40 -8.30 9.12
C ASP A 65 -6.78 -7.18 8.14
N ALA A 66 -5.85 -6.25 7.97
CA ALA A 66 -6.04 -5.11 7.08
C ALA A 66 -6.21 -5.59 5.64
N LEU A 67 -5.40 -6.57 5.27
CA LEU A 67 -5.41 -7.13 3.92
C LEU A 67 -6.67 -7.96 3.68
N LYS A 68 -7.16 -8.61 4.73
CA LYS A 68 -8.35 -9.44 4.64
C LYS A 68 -9.52 -8.64 4.04
N ALA A 69 -9.55 -7.36 4.36
CA ALA A 69 -10.61 -6.47 3.88
C ALA A 69 -10.48 -6.18 2.38
N LYS A 70 -9.29 -5.75 1.98
CA LYS A 70 -9.04 -5.40 0.58
C LYS A 70 -8.91 -6.64 -0.28
N VAL A 71 -8.34 -7.69 0.28
CA VAL A 71 -8.15 -8.93 -0.46
C VAL A 71 -9.49 -9.44 -1.00
N ALA A 72 -10.51 -9.41 -0.16
CA ALA A 72 -11.83 -9.87 -0.58
C ALA A 72 -12.28 -9.10 -1.82
N GLU A 73 -12.12 -7.78 -1.79
CA GLU A 73 -12.49 -6.93 -2.91
C GLU A 73 -11.52 -7.06 -4.08
N ALA A 74 -10.22 -6.94 -3.80
CA ALA A 74 -9.20 -7.01 -4.83
C ALA A 74 -9.06 -8.43 -5.42
N MET A 75 -8.89 -9.42 -4.55
CA MET A 75 -8.73 -10.80 -5.00
C MET A 75 -9.95 -11.25 -5.81
N GLU A 76 -11.12 -10.80 -5.42
CA GLU A 76 -12.36 -11.17 -6.12
C GLU A 76 -12.28 -10.78 -7.59
N VAL A 77 -11.89 -9.54 -7.85
CA VAL A 77 -11.78 -9.05 -9.21
C VAL A 77 -10.53 -9.60 -9.90
N LEU A 78 -9.46 -9.76 -9.13
CA LEU A 78 -8.20 -10.28 -9.67
C LEU A 78 -8.27 -11.79 -9.87
N ARG A 79 -8.23 -12.54 -8.78
CA ARG A 79 -8.28 -13.97 -8.82
C ARG A 79 -9.56 -14.46 -9.49
N SER A 80 -10.67 -13.78 -9.23
CA SER A 80 -11.95 -14.16 -9.81
C SER A 80 -12.38 -13.16 -10.89
N ALA A 81 -13.36 -13.56 -11.70
CA ALA A 81 -13.86 -12.70 -12.76
C ALA A 81 -14.66 -11.55 -12.21
N GLN A 82 -14.86 -10.52 -13.03
CA GLN A 82 -15.62 -9.35 -12.62
C GLN A 82 -17.06 -9.72 -12.25
N GLN A 83 -17.72 -8.86 -11.50
CA GLN A 83 -19.09 -9.10 -11.07
C GLN A 83 -20.02 -8.00 -11.58
N HIS A 84 -21.29 -8.35 -11.78
CA HIS A 84 -22.28 -7.40 -12.26
C HIS A 84 -21.89 -6.86 -13.63
N THR A 85 -22.83 -6.18 -14.28
CA THR A 85 -22.59 -5.61 -15.60
C THR A 85 -23.42 -4.35 -15.81
N GLY A 1 7.79 33.53 -9.07
CA GLY A 1 8.70 33.44 -7.89
C GLY A 1 8.20 34.24 -6.71
N PRO A 2 7.37 33.64 -5.84
CA PRO A 2 6.82 34.32 -4.67
C PRO A 2 7.88 34.60 -3.61
N LEU A 3 8.70 33.59 -3.32
CA LEU A 3 9.76 33.73 -2.32
C LEU A 3 11.09 33.22 -2.88
N GLY A 4 11.82 34.10 -3.55
CA GLY A 4 13.10 33.73 -4.12
C GLY A 4 12.95 32.90 -5.38
N SER A 5 13.66 31.76 -5.43
CA SER A 5 13.59 30.88 -6.58
C SER A 5 12.36 29.98 -6.52
N PRO A 6 11.66 29.79 -7.66
CA PRO A 6 10.46 28.95 -7.71
C PRO A 6 10.69 27.56 -7.14
N ILE A 7 11.80 26.94 -7.55
CA ILE A 7 12.14 25.61 -7.07
C ILE A 7 12.41 25.61 -5.58
N GLY A 8 11.33 25.57 -4.78
CA GLY A 8 11.48 25.57 -3.34
C GLY A 8 10.14 25.53 -2.63
N ALA A 9 9.50 26.69 -2.51
CA ALA A 9 8.21 26.79 -1.85
C ALA A 9 7.11 26.16 -2.70
N LEU A 10 7.13 26.45 -4.00
CA LEU A 10 6.14 25.90 -4.92
C LEU A 10 6.24 24.39 -4.99
N ALA A 11 7.46 23.89 -5.01
CA ALA A 11 7.70 22.45 -5.08
C ALA A 11 7.78 21.82 -3.70
N SER A 12 7.36 22.57 -2.68
CA SER A 12 7.39 22.08 -1.31
C SER A 12 6.49 20.86 -1.15
N ALA A 13 5.25 20.99 -1.58
CA ALA A 13 4.28 19.91 -1.49
C ALA A 13 4.69 18.74 -2.38
N LEU A 14 5.35 19.05 -3.49
CA LEU A 14 5.80 18.03 -4.43
C LEU A 14 7.01 17.30 -3.88
N ALA A 15 7.83 18.01 -3.11
CA ALA A 15 9.03 17.42 -2.52
C ALA A 15 8.68 16.23 -1.63
N ASN A 16 7.54 16.33 -0.96
CA ASN A 16 7.08 15.26 -0.07
C ASN A 16 6.80 13.99 -0.85
N SER A 17 7.32 12.86 -0.36
CA SER A 17 7.13 11.58 -1.02
C SER A 17 5.64 11.23 -1.09
N PRO A 18 5.04 11.26 -2.31
CA PRO A 18 3.62 10.93 -2.49
C PRO A 18 3.31 9.49 -2.14
N PRO A 19 2.01 9.13 -2.10
CA PRO A 19 1.56 7.78 -1.76
C PRO A 19 2.08 6.73 -2.77
N GLU A 20 2.13 7.12 -4.04
CA GLU A 20 2.60 6.21 -5.08
C GLU A 20 4.09 5.93 -4.94
N THR A 21 4.85 6.97 -4.58
CA THR A 21 6.28 6.83 -4.41
C THR A 21 6.58 5.86 -3.29
N GLN A 22 5.91 6.04 -2.17
CA GLN A 22 6.07 5.14 -1.05
C GLN A 22 5.47 3.80 -1.41
N ARG A 23 4.26 3.87 -1.99
CA ARG A 23 3.52 2.68 -2.39
C ARG A 23 4.45 1.48 -2.54
N MET A 24 5.02 1.33 -3.71
CA MET A 24 5.93 0.23 -3.96
C MET A 24 7.12 0.26 -3.00
N MET A 25 7.58 1.46 -2.66
CA MET A 25 8.74 1.60 -1.78
C MET A 25 8.52 0.89 -0.44
N LEU A 26 7.40 1.17 0.26
CA LEU A 26 7.15 0.48 1.52
C LEU A 26 6.85 -0.97 1.23
N GLY A 27 5.96 -1.22 0.27
CA GLY A 27 5.65 -2.56 -0.10
C GLY A 27 6.90 -3.30 -0.48
N GLU A 28 7.91 -2.60 -0.96
CA GLU A 28 9.15 -3.26 -1.28
C GLU A 28 9.66 -4.01 -0.05
N ASN A 29 9.65 -3.31 1.09
CA ASN A 29 10.10 -3.91 2.35
C ASN A 29 8.96 -4.49 3.18
N LEU A 30 7.88 -3.74 3.31
CA LEU A 30 6.75 -4.19 4.11
C LEU A 30 5.81 -5.10 3.31
N TYR A 31 5.69 -4.91 1.98
CA TYR A 31 4.83 -5.77 1.17
C TYR A 31 5.35 -7.19 1.27
N PRO A 32 6.67 -7.45 1.17
CA PRO A 32 7.15 -8.80 1.34
C PRO A 32 6.69 -9.31 2.69
N LEU A 33 6.60 -8.39 3.67
CA LEU A 33 6.12 -8.77 4.98
C LEU A 33 4.60 -8.93 4.95
N VAL A 34 3.91 -7.94 4.38
CA VAL A 34 2.46 -8.02 4.29
C VAL A 34 2.04 -8.96 3.18
N ASP A 35 2.60 -8.75 1.99
CA ASP A 35 2.35 -9.62 0.83
C ASP A 35 1.14 -10.53 1.05
N GLN A 36 1.41 -11.63 1.73
CA GLN A 36 0.44 -12.66 2.10
C GLN A 36 0.20 -13.66 0.97
N LEU A 37 0.77 -13.41 -0.20
CA LEU A 37 0.60 -14.31 -1.34
C LEU A 37 1.72 -14.11 -2.36
N GLU A 38 1.51 -14.59 -3.57
CA GLU A 38 2.49 -14.45 -4.64
C GLU A 38 2.22 -13.16 -5.42
N HIS A 39 3.29 -12.55 -5.92
CA HIS A 39 3.21 -11.30 -6.69
C HIS A 39 1.92 -11.20 -7.52
N ASP A 40 1.43 -12.33 -8.01
CA ASP A 40 0.21 -12.37 -8.82
C ASP A 40 -0.86 -11.43 -8.26
N GLN A 41 -1.53 -11.87 -7.20
CA GLN A 41 -2.57 -11.07 -6.55
C GLN A 41 -2.07 -10.47 -5.25
N ALA A 42 -0.96 -11.01 -4.74
CA ALA A 42 -0.36 -10.55 -3.50
C ALA A 42 0.08 -9.09 -3.60
N ALA A 43 0.72 -8.76 -4.72
CA ALA A 43 1.22 -7.41 -4.94
C ALA A 43 0.07 -6.43 -5.12
N LYS A 44 -1.03 -6.89 -5.69
CA LYS A 44 -2.17 -6.02 -5.94
C LYS A 44 -2.89 -5.62 -4.65
N VAL A 45 -3.23 -6.56 -3.78
CA VAL A 45 -3.95 -6.20 -2.57
C VAL A 45 -3.09 -5.47 -1.52
N THR A 46 -1.94 -6.03 -1.17
CA THR A 46 -1.08 -5.44 -0.14
C THR A 46 -0.39 -4.15 -0.57
N GLY A 47 0.31 -4.22 -1.69
CA GLY A 47 1.06 -3.07 -2.15
C GLY A 47 0.24 -1.96 -2.82
N MET A 48 -0.91 -2.30 -3.40
CA MET A 48 -1.73 -1.30 -4.08
C MET A 48 -2.32 -0.30 -3.09
N LEU A 49 -2.88 -0.81 -2.01
CA LEU A 49 -3.46 0.04 -0.98
C LEU A 49 -2.43 1.00 -0.42
N LEU A 50 -1.16 0.70 -0.66
CA LEU A 50 -0.08 1.53 -0.17
C LEU A 50 -0.24 2.99 -0.62
N GLU A 51 -1.02 3.21 -1.67
CA GLU A 51 -1.25 4.57 -2.16
C GLU A 51 -2.74 4.86 -2.33
N MET A 52 -3.57 3.84 -2.19
CA MET A 52 -5.02 4.02 -2.31
C MET A 52 -5.55 4.87 -1.17
N ASP A 53 -5.65 4.27 0.02
CA ASP A 53 -6.15 4.98 1.19
C ASP A 53 -5.05 5.08 2.26
N GLN A 54 -4.91 6.27 2.84
CA GLN A 54 -3.90 6.51 3.87
C GLN A 54 -4.03 5.49 5.01
N THR A 55 -5.26 5.21 5.41
CA THR A 55 -5.52 4.27 6.48
C THR A 55 -5.19 2.84 6.01
N GLU A 56 -5.51 2.58 4.74
CA GLU A 56 -5.25 1.26 4.15
C GLU A 56 -3.77 1.04 3.90
N VAL A 57 -3.07 2.06 3.40
CA VAL A 57 -1.64 1.95 3.14
C VAL A 57 -0.92 1.58 4.43
N LEU A 58 -1.26 2.30 5.48
CA LEU A 58 -0.68 2.08 6.79
C LEU A 58 -1.08 0.70 7.32
N HIS A 59 -2.37 0.39 7.21
CA HIS A 59 -2.93 -0.87 7.69
C HIS A 59 -2.50 -2.09 6.86
N LEU A 60 -2.59 -2.00 5.53
CA LEU A 60 -2.28 -3.14 4.67
C LEU A 60 -0.83 -3.60 4.79
N LEU A 61 0.13 -2.68 4.79
CA LEU A 61 1.54 -3.04 4.88
C LEU A 61 2.02 -3.02 6.33
N GLU A 62 1.11 -3.29 7.27
CA GLU A 62 1.45 -3.30 8.69
C GLU A 62 0.55 -4.24 9.50
N SER A 63 -0.77 -4.05 9.39
CA SER A 63 -1.71 -4.88 10.14
C SER A 63 -2.14 -6.09 9.33
N PRO A 64 -2.44 -7.21 10.02
CA PRO A 64 -2.88 -8.46 9.37
C PRO A 64 -4.33 -8.38 8.91
N ASP A 65 -5.19 -7.82 9.76
CA ASP A 65 -6.60 -7.69 9.43
C ASP A 65 -6.80 -6.82 8.21
N ALA A 66 -5.81 -5.96 7.94
CA ALA A 66 -5.86 -5.05 6.81
C ALA A 66 -5.88 -5.80 5.48
N LEU A 67 -5.12 -6.89 5.42
CA LEU A 67 -5.02 -7.70 4.21
C LEU A 67 -6.35 -8.35 3.85
N LYS A 68 -7.02 -8.92 4.85
CA LYS A 68 -8.30 -9.59 4.65
C LYS A 68 -9.33 -8.67 3.99
N ALA A 69 -9.27 -7.40 4.33
CA ALA A 69 -10.21 -6.41 3.83
C ALA A 69 -10.08 -6.14 2.33
N LYS A 70 -8.87 -5.82 1.89
CA LYS A 70 -8.62 -5.50 0.49
C LYS A 70 -8.53 -6.74 -0.37
N VAL A 71 -8.00 -7.81 0.20
CA VAL A 71 -7.84 -9.05 -0.56
C VAL A 71 -9.18 -9.55 -1.09
N ALA A 72 -10.19 -9.57 -0.22
CA ALA A 72 -11.51 -10.03 -0.62
C ALA A 72 -12.07 -9.18 -1.77
N GLU A 73 -11.95 -7.87 -1.64
CA GLU A 73 -12.45 -6.95 -2.66
C GLU A 73 -11.57 -6.97 -3.91
N ALA A 74 -10.26 -6.83 -3.72
CA ALA A 74 -9.32 -6.82 -4.84
C ALA A 74 -9.32 -8.15 -5.59
N MET A 75 -9.27 -9.25 -4.85
CA MET A 75 -9.26 -10.58 -5.45
C MET A 75 -10.49 -10.79 -6.32
N GLU A 76 -11.63 -10.28 -5.86
CA GLU A 76 -12.88 -10.43 -6.60
C GLU A 76 -12.77 -9.86 -8.01
N VAL A 77 -12.14 -8.69 -8.13
CA VAL A 77 -11.98 -8.05 -9.43
C VAL A 77 -10.92 -8.71 -10.30
N LEU A 78 -9.84 -9.20 -9.68
CA LEU A 78 -8.77 -9.84 -10.44
C LEU A 78 -8.97 -11.35 -10.54
N ARG A 79 -8.99 -12.01 -9.40
CA ARG A 79 -9.16 -13.44 -9.33
C ARG A 79 -10.49 -13.88 -9.96
N SER A 80 -11.51 -13.03 -9.87
CA SER A 80 -12.81 -13.37 -10.44
C SER A 80 -13.07 -12.63 -11.74
N ALA A 81 -12.30 -11.57 -12.00
CA ALA A 81 -12.46 -10.79 -13.22
C ALA A 81 -13.86 -10.19 -13.30
N GLN A 82 -14.38 -9.75 -12.17
CA GLN A 82 -15.72 -9.16 -12.13
C GLN A 82 -15.65 -7.65 -12.35
N GLN A 83 -15.01 -7.24 -13.44
CA GLN A 83 -14.88 -5.83 -13.76
C GLN A 83 -16.18 -5.28 -14.33
N HIS A 84 -16.66 -5.90 -15.40
CA HIS A 84 -17.90 -5.48 -16.04
C HIS A 84 -17.81 -4.03 -16.52
N THR A 85 -17.32 -3.85 -17.75
CA THR A 85 -17.17 -2.52 -18.32
C THR A 85 -16.30 -1.63 -17.45
N GLY A 1 20.51 28.02 5.72
CA GLY A 1 21.88 27.45 5.78
C GLY A 1 22.22 26.61 4.56
N PRO A 2 22.42 27.24 3.39
CA PRO A 2 22.75 26.53 2.15
C PRO A 2 24.16 25.94 2.18
N LEU A 3 24.24 24.63 1.96
CA LEU A 3 25.52 23.94 1.96
C LEU A 3 26.25 24.12 0.63
N GLY A 4 25.55 23.79 -0.46
CA GLY A 4 26.14 23.92 -1.78
C GLY A 4 25.13 24.37 -2.81
N SER A 5 24.47 23.42 -3.46
CA SER A 5 23.48 23.72 -4.47
C SER A 5 22.17 24.21 -3.84
N PRO A 6 21.47 25.13 -4.50
CA PRO A 6 20.20 25.68 -3.99
C PRO A 6 19.18 24.58 -3.68
N ILE A 7 18.75 23.88 -4.72
CA ILE A 7 17.78 22.80 -4.56
C ILE A 7 18.46 21.52 -4.09
N GLY A 8 17.75 20.75 -3.26
CA GLY A 8 18.30 19.51 -2.75
C GLY A 8 17.83 19.20 -1.35
N ALA A 9 18.77 18.92 -0.46
CA ALA A 9 18.45 18.61 0.93
C ALA A 9 17.70 19.76 1.59
N LEU A 10 18.07 20.98 1.24
CA LEU A 10 17.43 22.17 1.80
C LEU A 10 15.94 22.21 1.44
N ALA A 11 15.64 21.85 0.20
CA ALA A 11 14.25 21.84 -0.26
C ALA A 11 13.42 20.78 0.47
N SER A 12 12.80 21.18 1.56
CA SER A 12 11.98 20.27 2.35
C SER A 12 10.68 19.94 1.63
N ALA A 13 10.15 20.91 0.89
CA ALA A 13 8.91 20.73 0.15
C ALA A 13 9.07 19.62 -0.90
N LEU A 14 10.13 19.70 -1.69
CA LEU A 14 10.39 18.72 -2.73
C LEU A 14 10.52 17.32 -2.14
N ALA A 15 11.02 17.26 -0.90
CA ALA A 15 11.20 15.98 -0.22
C ALA A 15 9.88 15.23 -0.09
N ASN A 16 8.80 15.98 0.10
CA ASN A 16 7.47 15.38 0.24
C ASN A 16 7.08 14.63 -1.03
N SER A 17 7.30 13.32 -1.03
CA SER A 17 6.97 12.50 -2.18
C SER A 17 5.53 11.98 -2.09
N PRO A 18 4.87 11.78 -3.25
CA PRO A 18 3.50 11.29 -3.29
C PRO A 18 3.35 9.89 -2.69
N PRO A 19 2.10 9.44 -2.47
CA PRO A 19 1.82 8.12 -1.89
C PRO A 19 2.37 6.99 -2.76
N GLU A 20 2.34 7.18 -4.07
CA GLU A 20 2.83 6.17 -5.01
C GLU A 20 4.32 5.93 -4.80
N THR A 21 5.03 6.97 -4.42
CA THR A 21 6.47 6.87 -4.18
C THR A 21 6.74 5.90 -3.05
N GLN A 22 6.01 6.09 -1.97
CA GLN A 22 6.13 5.18 -0.82
C GLN A 22 5.56 3.85 -1.23
N ARG A 23 4.37 3.91 -1.82
CA ARG A 23 3.64 2.73 -2.24
C ARG A 23 4.55 1.52 -2.35
N MET A 24 5.16 1.34 -3.51
CA MET A 24 6.04 0.21 -3.70
C MET A 24 7.18 0.22 -2.69
N MET A 25 7.66 1.41 -2.32
CA MET A 25 8.77 1.52 -1.38
C MET A 25 8.45 0.84 -0.04
N LEU A 26 7.30 1.13 0.57
CA LEU A 26 6.95 0.48 1.83
C LEU A 26 6.68 -0.99 1.57
N GLY A 27 5.86 -1.26 0.55
CA GLY A 27 5.59 -2.61 0.18
C GLY A 27 6.89 -3.32 -0.13
N GLU A 28 7.90 -2.60 -0.55
CA GLU A 28 9.18 -3.23 -0.82
C GLU A 28 9.63 -4.00 0.42
N ASN A 29 9.48 -3.34 1.58
CA ASN A 29 9.86 -3.97 2.85
C ASN A 29 8.65 -4.62 3.53
N LEU A 30 7.55 -3.88 3.59
CA LEU A 30 6.35 -4.38 4.23
C LEU A 30 5.56 -5.33 3.30
N TYR A 31 5.62 -5.12 1.99
CA TYR A 31 4.89 -6.01 1.08
C TYR A 31 5.40 -7.43 1.26
N PRO A 32 6.73 -7.65 1.31
CA PRO A 32 7.22 -8.99 1.55
C PRO A 32 6.62 -9.52 2.85
N LEU A 33 6.38 -8.62 3.80
CA LEU A 33 5.78 -9.01 5.07
C LEU A 33 4.29 -9.19 4.90
N VAL A 34 3.68 -8.19 4.27
CA VAL A 34 2.25 -8.22 4.01
C VAL A 34 1.94 -9.14 2.87
N ASP A 35 2.67 -8.95 1.78
CA ASP A 35 2.50 -9.81 0.60
C ASP A 35 2.29 -11.27 1.02
N GLN A 36 1.04 -11.66 1.24
CA GLN A 36 0.73 -13.03 1.66
C GLN A 36 0.97 -14.03 0.54
N LEU A 37 0.22 -13.88 -0.54
CA LEU A 37 0.33 -14.79 -1.68
C LEU A 37 1.43 -14.34 -2.65
N GLU A 38 1.39 -14.85 -3.88
CA GLU A 38 2.38 -14.50 -4.89
C GLU A 38 2.13 -13.10 -5.43
N HIS A 39 3.22 -12.38 -5.67
CA HIS A 39 3.17 -11.00 -6.19
C HIS A 39 2.04 -10.80 -7.22
N ASP A 40 1.72 -11.87 -7.95
CA ASP A 40 0.67 -11.81 -8.97
C ASP A 40 -0.52 -10.99 -8.48
N GLN A 41 -1.29 -11.55 -7.56
CA GLN A 41 -2.45 -10.87 -6.99
C GLN A 41 -2.13 -10.38 -5.58
N ALA A 42 -1.12 -10.99 -4.96
CA ALA A 42 -0.72 -10.62 -3.62
C ALA A 42 -0.19 -9.19 -3.57
N ALA A 43 0.62 -8.84 -4.57
CA ALA A 43 1.19 -7.50 -4.65
C ALA A 43 0.11 -6.48 -4.92
N LYS A 44 -0.91 -6.89 -5.66
CA LYS A 44 -2.00 -6.00 -6.01
C LYS A 44 -2.78 -5.54 -4.79
N VAL A 45 -3.17 -6.47 -3.92
CA VAL A 45 -3.96 -6.10 -2.75
C VAL A 45 -3.18 -5.31 -1.69
N THR A 46 -2.01 -5.81 -1.27
CA THR A 46 -1.26 -5.14 -0.22
C THR A 46 -0.63 -3.82 -0.65
N GLY A 47 0.14 -3.87 -1.71
CA GLY A 47 0.83 -2.69 -2.18
C GLY A 47 -0.02 -1.67 -2.93
N MET A 48 -1.13 -2.09 -3.55
CA MET A 48 -1.97 -1.12 -4.26
C MET A 48 -2.52 -0.10 -3.28
N LEU A 49 -3.06 -0.60 -2.18
CA LEU A 49 -3.60 0.26 -1.13
C LEU A 49 -2.51 1.15 -0.56
N LEU A 50 -1.25 0.78 -0.81
CA LEU A 50 -0.12 1.54 -0.30
C LEU A 50 -0.18 3.01 -0.75
N GLU A 51 -0.95 3.28 -1.80
CA GLU A 51 -1.09 4.65 -2.29
C GLU A 51 -2.57 5.04 -2.48
N MET A 52 -3.46 4.06 -2.36
CA MET A 52 -4.89 4.33 -2.52
C MET A 52 -5.41 5.14 -1.34
N ASP A 53 -5.49 4.52 -0.17
CA ASP A 53 -5.99 5.20 1.02
C ASP A 53 -4.92 5.20 2.11
N GLN A 54 -4.76 6.35 2.78
CA GLN A 54 -3.77 6.49 3.84
C GLN A 54 -4.04 5.49 4.95
N THR A 55 -5.31 5.23 5.21
CA THR A 55 -5.72 4.28 6.24
C THR A 55 -5.41 2.85 5.80
N GLU A 56 -5.68 2.56 4.52
CA GLU A 56 -5.44 1.23 3.98
C GLU A 56 -3.94 0.97 3.80
N VAL A 57 -3.22 1.96 3.28
CA VAL A 57 -1.78 1.81 3.09
C VAL A 57 -1.10 1.48 4.41
N LEU A 58 -1.46 2.23 5.44
CA LEU A 58 -0.91 2.04 6.77
C LEU A 58 -1.30 0.67 7.32
N HIS A 59 -2.57 0.34 7.17
CA HIS A 59 -3.10 -0.92 7.67
C HIS A 59 -2.63 -2.15 6.87
N LEU A 60 -2.69 -2.05 5.54
CA LEU A 60 -2.33 -3.19 4.69
C LEU A 60 -0.86 -3.61 4.81
N LEU A 61 0.06 -2.66 4.83
CA LEU A 61 1.48 -3.00 4.93
C LEU A 61 1.95 -2.95 6.39
N GLU A 62 1.02 -3.18 7.32
CA GLU A 62 1.37 -3.17 8.75
C GLU A 62 0.49 -4.16 9.54
N SER A 63 -0.82 -4.02 9.42
CA SER A 63 -1.74 -4.89 10.14
C SER A 63 -2.02 -6.19 9.38
N PRO A 64 -2.28 -7.29 10.11
CA PRO A 64 -2.58 -8.59 9.51
C PRO A 64 -4.03 -8.71 9.06
N ASP A 65 -4.91 -7.98 9.74
CA ASP A 65 -6.33 -8.00 9.43
C ASP A 65 -6.61 -7.12 8.21
N ALA A 66 -5.70 -6.19 7.95
CA ALA A 66 -5.83 -5.26 6.82
C ALA A 66 -5.79 -6.02 5.49
N LEU A 67 -4.99 -7.07 5.43
CA LEU A 67 -4.86 -7.87 4.22
C LEU A 67 -6.18 -8.50 3.82
N LYS A 68 -6.88 -9.07 4.79
CA LYS A 68 -8.17 -9.72 4.54
C LYS A 68 -9.17 -8.77 3.89
N ALA A 69 -9.11 -7.51 4.28
CA ALA A 69 -10.03 -6.48 3.79
C ALA A 69 -9.90 -6.19 2.30
N LYS A 70 -8.68 -5.90 1.87
CA LYS A 70 -8.43 -5.57 0.46
C LYS A 70 -8.37 -6.81 -0.41
N VAL A 71 -7.82 -7.88 0.14
CA VAL A 71 -7.68 -9.12 -0.62
C VAL A 71 -9.05 -9.62 -1.12
N ALA A 72 -10.03 -9.65 -0.22
CA ALA A 72 -11.36 -10.12 -0.59
C ALA A 72 -11.97 -9.26 -1.69
N GLU A 73 -11.87 -7.94 -1.54
CA GLU A 73 -12.42 -7.01 -2.52
C GLU A 73 -11.58 -7.00 -3.80
N ALA A 74 -10.28 -6.84 -3.65
CA ALA A 74 -9.37 -6.80 -4.79
C ALA A 74 -9.36 -8.11 -5.56
N MET A 75 -9.12 -9.21 -4.86
CA MET A 75 -9.10 -10.52 -5.50
C MET A 75 -10.41 -10.83 -6.20
N GLU A 76 -11.50 -10.31 -5.65
CA GLU A 76 -12.82 -10.54 -6.22
C GLU A 76 -12.90 -10.06 -7.67
N VAL A 77 -12.38 -8.85 -7.92
CA VAL A 77 -12.41 -8.27 -9.26
C VAL A 77 -11.37 -8.90 -10.20
N LEU A 78 -10.21 -9.25 -9.66
CA LEU A 78 -9.15 -9.84 -10.48
C LEU A 78 -9.25 -11.36 -10.51
N ARG A 79 -9.11 -11.98 -9.35
CA ARG A 79 -9.16 -13.42 -9.22
C ARG A 79 -10.54 -13.96 -9.63
N SER A 80 -11.60 -13.19 -9.39
CA SER A 80 -12.95 -13.64 -9.74
C SER A 80 -13.50 -12.90 -10.95
N ALA A 81 -13.37 -11.57 -10.95
CA ALA A 81 -13.87 -10.76 -12.05
C ALA A 81 -15.39 -10.80 -12.10
N GLN A 82 -16.02 -10.89 -10.93
CA GLN A 82 -17.46 -10.94 -10.83
C GLN A 82 -17.94 -10.31 -9.52
N GLN A 83 -17.67 -9.02 -9.36
CA GLN A 83 -18.07 -8.30 -8.14
C GLN A 83 -19.57 -8.38 -7.93
N HIS A 84 -19.97 -8.83 -6.74
CA HIS A 84 -21.38 -8.97 -6.40
C HIS A 84 -21.71 -8.19 -5.14
N THR A 85 -22.74 -7.34 -5.21
CA THR A 85 -23.15 -6.54 -4.08
C THR A 85 -24.67 -6.34 -4.06
N GLY A 1 14.01 24.08 12.88
CA GLY A 1 14.06 25.40 13.58
C GLY A 1 13.06 26.38 13.04
N PRO A 2 11.80 26.35 13.52
CA PRO A 2 10.76 27.26 13.07
C PRO A 2 11.18 28.72 13.14
N LEU A 3 11.09 29.41 12.02
CA LEU A 3 11.48 30.82 11.95
C LEU A 3 10.32 31.68 11.43
N GLY A 4 9.37 31.97 12.30
CA GLY A 4 8.22 32.78 11.91
C GLY A 4 7.11 31.96 11.28
N SER A 5 7.15 31.86 9.95
CA SER A 5 6.14 31.09 9.23
C SER A 5 6.34 29.59 9.44
N PRO A 6 5.28 28.86 9.81
CA PRO A 6 5.35 27.41 10.02
C PRO A 6 5.94 26.66 8.83
N ILE A 7 5.24 26.74 7.70
CA ILE A 7 5.69 26.07 6.48
C ILE A 7 7.00 26.66 5.99
N GLY A 8 7.95 25.79 5.66
CA GLY A 8 9.24 26.25 5.18
C GLY A 8 10.40 25.68 5.99
N ALA A 9 10.42 26.00 7.27
CA ALA A 9 11.48 25.52 8.16
C ALA A 9 11.28 24.06 8.52
N LEU A 10 10.02 23.68 8.77
CA LEU A 10 9.70 22.30 9.13
C LEU A 10 9.97 21.36 7.96
N ALA A 11 9.59 21.79 6.76
CA ALA A 11 9.79 20.98 5.57
C ALA A 11 9.10 19.63 5.69
N SER A 12 7.93 19.62 6.33
CA SER A 12 7.17 18.40 6.52
C SER A 12 6.64 17.87 5.19
N ALA A 13 6.20 18.77 4.33
CA ALA A 13 5.67 18.40 3.02
C ALA A 13 6.74 17.72 2.18
N LEU A 14 7.97 18.22 2.27
CA LEU A 14 9.09 17.66 1.51
C LEU A 14 9.64 16.41 2.20
N ALA A 15 9.51 16.36 3.51
CA ALA A 15 10.00 15.23 4.29
C ALA A 15 9.35 13.93 3.85
N ASN A 16 8.18 14.04 3.22
CA ASN A 16 7.46 12.86 2.75
C ASN A 16 7.23 12.92 1.24
N SER A 17 7.03 11.76 0.63
CA SER A 17 6.81 11.66 -0.81
C SER A 17 5.38 11.21 -1.11
N PRO A 18 4.90 11.45 -2.33
CA PRO A 18 3.54 11.06 -2.74
C PRO A 18 3.22 9.62 -2.37
N PRO A 19 1.93 9.32 -2.15
CA PRO A 19 1.49 7.97 -1.78
C PRO A 19 1.95 6.91 -2.77
N GLU A 20 1.96 7.26 -4.05
CA GLU A 20 2.40 6.35 -5.10
C GLU A 20 3.90 6.09 -5.01
N THR A 21 4.65 7.12 -4.64
CA THR A 21 6.09 6.98 -4.52
C THR A 21 6.43 5.99 -3.44
N GLN A 22 5.80 6.14 -2.29
CA GLN A 22 5.99 5.21 -1.19
C GLN A 22 5.37 3.89 -1.57
N ARG A 23 4.14 3.99 -2.09
CA ARG A 23 3.36 2.82 -2.47
C ARG A 23 4.24 1.61 -2.71
N MET A 24 4.72 1.45 -3.93
CA MET A 24 5.56 0.32 -4.24
C MET A 24 6.80 0.28 -3.35
N MET A 25 7.32 1.47 -3.00
CA MET A 25 8.53 1.53 -2.17
C MET A 25 8.34 0.81 -0.83
N LEU A 26 7.27 1.10 -0.10
CA LEU A 26 7.04 0.40 1.16
C LEU A 26 6.68 -1.04 0.88
N GLY A 27 5.73 -1.25 -0.05
CA GLY A 27 5.34 -2.57 -0.42
C GLY A 27 6.56 -3.35 -0.89
N GLU A 28 7.54 -2.68 -1.45
CA GLU A 28 8.72 -3.38 -1.88
C GLU A 28 9.31 -4.14 -0.68
N ASN A 29 9.39 -3.45 0.46
CA ASN A 29 9.93 -4.07 1.67
C ASN A 29 8.82 -4.65 2.56
N LEU A 30 7.80 -3.84 2.84
CA LEU A 30 6.70 -4.29 3.68
C LEU A 30 5.71 -5.18 2.92
N TYR A 31 5.52 -4.97 1.61
CA TYR A 31 4.60 -5.82 0.86
C TYR A 31 5.05 -7.27 0.99
N PRO A 32 6.36 -7.56 0.83
CA PRO A 32 6.83 -8.92 1.01
C PRO A 32 6.41 -9.37 2.40
N LEU A 33 6.31 -8.41 3.32
CA LEU A 33 5.87 -8.70 4.67
C LEU A 33 4.36 -8.91 4.66
N VAL A 34 3.65 -8.00 3.98
CA VAL A 34 2.20 -8.14 3.87
C VAL A 34 1.85 -9.24 2.93
N ASP A 35 2.47 -9.16 1.75
CA ASP A 35 2.30 -10.15 0.68
C ASP A 35 1.62 -11.42 1.17
N GLN A 36 0.30 -11.35 1.35
CA GLN A 36 -0.48 -12.47 1.86
C GLN A 36 -0.67 -13.59 0.84
N LEU A 37 -0.89 -13.25 -0.44
CA LEU A 37 -1.08 -14.26 -1.47
C LEU A 37 0.22 -14.47 -2.26
N GLU A 38 0.09 -14.88 -3.52
CA GLU A 38 1.25 -15.09 -4.37
C GLU A 38 1.82 -13.75 -4.82
N HIS A 39 2.98 -13.78 -5.45
CA HIS A 39 3.64 -12.56 -5.93
C HIS A 39 2.78 -11.85 -6.99
N ASP A 40 1.74 -12.50 -7.48
CA ASP A 40 0.87 -11.92 -8.49
C ASP A 40 -0.32 -11.18 -7.89
N GLN A 41 -0.93 -11.75 -6.86
CA GLN A 41 -2.10 -11.13 -6.23
C GLN A 41 -1.75 -10.49 -4.89
N ALA A 42 -0.68 -10.96 -4.25
CA ALA A 42 -0.27 -10.41 -2.96
C ALA A 42 0.13 -8.95 -3.07
N ALA A 43 0.90 -8.64 -4.10
CA ALA A 43 1.37 -7.27 -4.32
C ALA A 43 0.20 -6.36 -4.70
N LYS A 44 -0.78 -6.93 -5.39
CA LYS A 44 -1.92 -6.16 -5.84
C LYS A 44 -2.77 -5.63 -4.68
N VAL A 45 -3.13 -6.48 -3.73
CA VAL A 45 -3.98 -6.04 -2.63
C VAL A 45 -3.27 -5.11 -1.65
N THR A 46 -2.11 -5.51 -1.13
CA THR A 46 -1.38 -4.69 -0.16
C THR A 46 -0.75 -3.45 -0.75
N GLY A 47 0.00 -3.67 -1.82
CA GLY A 47 0.74 -2.58 -2.44
C GLY A 47 -0.10 -1.61 -3.24
N MET A 48 -1.26 -2.03 -3.76
CA MET A 48 -2.09 -1.12 -4.52
C MET A 48 -2.66 -0.05 -3.60
N LEU A 49 -3.19 -0.50 -2.47
CA LEU A 49 -3.77 0.37 -1.47
C LEU A 49 -2.70 1.26 -0.85
N LEU A 50 -1.43 0.90 -1.05
CA LEU A 50 -0.34 1.67 -0.48
C LEU A 50 -0.40 3.15 -0.89
N GLU A 51 -1.15 3.45 -1.95
CA GLU A 51 -1.30 4.83 -2.41
C GLU A 51 -2.77 5.25 -2.47
N MET A 52 -3.67 4.27 -2.57
CA MET A 52 -5.09 4.55 -2.63
C MET A 52 -5.54 5.36 -1.41
N ASP A 53 -5.68 4.69 -0.28
CA ASP A 53 -6.10 5.34 0.95
C ASP A 53 -4.96 5.34 1.98
N GLN A 54 -4.75 6.48 2.62
CA GLN A 54 -3.69 6.63 3.63
C GLN A 54 -3.90 5.62 4.77
N THR A 55 -5.16 5.41 5.14
CA THR A 55 -5.49 4.48 6.21
C THR A 55 -5.22 3.05 5.76
N GLU A 56 -5.52 2.76 4.50
CA GLU A 56 -5.31 1.43 3.95
C GLU A 56 -3.82 1.13 3.76
N VAL A 57 -3.08 2.10 3.21
CA VAL A 57 -1.64 1.91 3.01
C VAL A 57 -0.97 1.61 4.33
N LEU A 58 -1.32 2.38 5.34
CA LEU A 58 -0.76 2.20 6.67
C LEU A 58 -1.17 0.84 7.25
N HIS A 59 -2.46 0.52 7.10
CA HIS A 59 -3.01 -0.72 7.62
C HIS A 59 -2.53 -1.96 6.85
N LEU A 60 -2.62 -1.93 5.52
CA LEU A 60 -2.27 -3.09 4.70
C LEU A 60 -0.79 -3.47 4.80
N LEU A 61 0.10 -2.50 4.75
CA LEU A 61 1.53 -2.77 4.82
C LEU A 61 2.07 -2.59 6.24
N GLU A 62 1.24 -2.94 7.23
CA GLU A 62 1.62 -2.84 8.63
C GLU A 62 0.79 -3.77 9.51
N SER A 63 -0.53 -3.78 9.30
CA SER A 63 -1.43 -4.62 10.10
C SER A 63 -1.74 -5.94 9.40
N PRO A 64 -2.00 -7.01 10.17
CA PRO A 64 -2.31 -8.34 9.63
C PRO A 64 -3.79 -8.46 9.25
N ASP A 65 -4.64 -7.70 9.92
CA ASP A 65 -6.07 -7.73 9.66
C ASP A 65 -6.41 -6.90 8.42
N ALA A 66 -5.51 -5.98 8.09
CA ALA A 66 -5.69 -5.11 6.94
C ALA A 66 -5.72 -5.90 5.64
N LEU A 67 -4.92 -6.96 5.59
CA LEU A 67 -4.83 -7.81 4.42
C LEU A 67 -6.16 -8.45 4.06
N LYS A 68 -6.85 -8.98 5.07
CA LYS A 68 -8.14 -9.62 4.87
C LYS A 68 -9.15 -8.69 4.18
N ALA A 69 -9.07 -7.41 4.49
CA ALA A 69 -9.99 -6.42 3.94
C ALA A 69 -9.86 -6.20 2.44
N LYS A 70 -8.64 -5.91 1.99
CA LYS A 70 -8.40 -5.63 0.58
C LYS A 70 -8.33 -6.90 -0.24
N VAL A 71 -7.80 -7.95 0.36
CA VAL A 71 -7.66 -9.23 -0.35
C VAL A 71 -9.01 -9.74 -0.86
N ALA A 72 -10.01 -9.75 0.01
CA ALA A 72 -11.35 -10.23 -0.37
C ALA A 72 -11.93 -9.42 -1.52
N GLU A 73 -11.85 -8.09 -1.42
CA GLU A 73 -12.38 -7.21 -2.45
C GLU A 73 -11.50 -7.23 -3.71
N ALA A 74 -10.20 -7.04 -3.51
CA ALA A 74 -9.25 -7.02 -4.62
C ALA A 74 -9.17 -8.36 -5.35
N MET A 75 -9.27 -9.46 -4.59
CA MET A 75 -9.19 -10.79 -5.18
C MET A 75 -10.29 -10.99 -6.23
N GLU A 76 -11.48 -10.44 -5.96
CA GLU A 76 -12.59 -10.57 -6.89
C GLU A 76 -12.23 -10.00 -8.26
N VAL A 77 -11.67 -8.80 -8.27
CA VAL A 77 -11.28 -8.16 -9.52
C VAL A 77 -10.00 -8.78 -10.09
N LEU A 78 -9.09 -9.17 -9.21
CA LEU A 78 -7.83 -9.78 -9.63
C LEU A 78 -8.02 -11.23 -10.06
N ARG A 79 -8.26 -12.10 -9.09
CA ARG A 79 -8.45 -13.50 -9.33
C ARG A 79 -9.69 -13.76 -10.19
N SER A 80 -10.73 -12.96 -9.98
CA SER A 80 -11.97 -13.12 -10.73
C SER A 80 -12.18 -11.94 -11.69
N ALA A 81 -13.09 -12.12 -12.64
CA ALA A 81 -13.38 -11.07 -13.61
C ALA A 81 -14.75 -10.46 -13.36
N GLN A 82 -14.79 -9.41 -12.54
CA GLN A 82 -16.03 -8.73 -12.22
C GLN A 82 -16.04 -7.31 -12.78
N GLN A 83 -14.87 -6.67 -12.78
CA GLN A 83 -14.74 -5.31 -13.29
C GLN A 83 -14.23 -5.32 -14.72
N HIS A 84 -14.96 -4.66 -15.61
CA HIS A 84 -14.57 -4.58 -17.02
C HIS A 84 -15.31 -3.44 -17.72
N THR A 85 -14.83 -2.22 -17.50
CA THR A 85 -15.43 -1.04 -18.11
C THR A 85 -14.63 -0.57 -19.32
N GLY A 1 5.83 27.79 8.79
CA GLY A 1 7.09 27.94 9.56
C GLY A 1 8.32 27.53 8.76
N PRO A 2 8.94 28.48 8.04
CA PRO A 2 10.14 28.20 7.23
C PRO A 2 11.23 27.49 8.03
N LEU A 3 11.61 26.30 7.59
CA LEU A 3 12.65 25.53 8.26
C LEU A 3 14.03 25.88 7.71
N GLY A 4 15.05 25.20 8.23
CA GLY A 4 16.41 25.45 7.78
C GLY A 4 16.66 24.95 6.37
N SER A 5 16.12 23.78 6.05
CA SER A 5 16.29 23.20 4.72
C SER A 5 15.43 23.94 3.69
N PRO A 6 16.03 24.38 2.58
CA PRO A 6 15.30 25.10 1.53
C PRO A 6 14.18 24.26 0.93
N ILE A 7 14.54 23.28 0.11
CA ILE A 7 13.56 22.41 -0.53
C ILE A 7 12.83 21.56 0.50
N GLY A 8 11.50 21.46 0.34
CA GLY A 8 10.71 20.68 1.27
C GLY A 8 10.10 21.52 2.37
N ALA A 9 10.83 22.53 2.82
CA ALA A 9 10.36 23.41 3.88
C ALA A 9 9.21 24.30 3.38
N LEU A 10 9.29 24.69 2.12
CA LEU A 10 8.25 25.54 1.52
C LEU A 10 6.94 24.79 1.41
N ALA A 11 7.00 23.53 0.99
CA ALA A 11 5.80 22.71 0.84
C ALA A 11 5.94 21.40 1.60
N SER A 12 4.92 21.07 2.39
CA SER A 12 4.92 19.84 3.17
C SER A 12 4.84 18.62 2.27
N ALA A 13 4.11 18.76 1.17
CA ALA A 13 3.94 17.66 0.22
C ALA A 13 5.29 17.25 -0.38
N LEU A 14 6.16 18.23 -0.61
CA LEU A 14 7.48 17.96 -1.18
C LEU A 14 8.45 17.49 -0.10
N ALA A 15 8.22 17.94 1.14
CA ALA A 15 9.07 17.57 2.25
C ALA A 15 9.09 16.05 2.45
N ASN A 16 8.07 15.39 1.93
CA ASN A 16 7.97 13.94 2.06
C ASN A 16 7.82 13.29 0.68
N SER A 17 7.44 12.01 0.66
CA SER A 17 7.26 11.28 -0.59
C SER A 17 5.79 10.97 -0.83
N PRO A 18 5.28 11.22 -2.05
CA PRO A 18 3.88 10.95 -2.39
C PRO A 18 3.47 9.51 -2.07
N PRO A 19 2.16 9.25 -1.97
CA PRO A 19 1.66 7.90 -1.66
C PRO A 19 2.07 6.88 -2.72
N GLU A 20 2.07 7.30 -3.98
CA GLU A 20 2.46 6.42 -5.07
C GLU A 20 3.95 6.10 -5.01
N THR A 21 4.74 7.10 -4.66
CA THR A 21 6.19 6.92 -4.56
C THR A 21 6.51 5.91 -3.48
N GLN A 22 5.88 6.08 -2.33
CA GLN A 22 6.08 5.14 -1.25
C GLN A 22 5.44 3.83 -1.62
N ARG A 23 4.22 3.94 -2.15
CA ARG A 23 3.44 2.79 -2.55
C ARG A 23 4.32 1.58 -2.78
N MET A 24 4.81 1.43 -4.00
CA MET A 24 5.67 0.29 -4.30
C MET A 24 6.90 0.26 -3.38
N MET A 25 7.41 1.45 -3.03
CA MET A 25 8.60 1.53 -2.19
C MET A 25 8.42 0.80 -0.85
N LEU A 26 7.33 1.08 -0.12
CA LEU A 26 7.10 0.38 1.14
C LEU A 26 6.78 -1.07 0.85
N GLY A 27 5.85 -1.30 -0.08
CA GLY A 27 5.51 -2.64 -0.46
C GLY A 27 6.75 -3.39 -0.89
N GLU A 28 7.73 -2.69 -1.42
CA GLU A 28 8.95 -3.38 -1.81
C GLU A 28 9.52 -4.12 -0.60
N ASN A 29 9.58 -3.43 0.54
CA ASN A 29 10.09 -4.03 1.76
C ASN A 29 8.98 -4.60 2.63
N LEU A 30 7.93 -3.81 2.83
CA LEU A 30 6.81 -4.25 3.65
C LEU A 30 5.86 -5.19 2.88
N TYR A 31 5.74 -5.02 1.56
CA TYR A 31 4.87 -5.93 0.79
C TYR A 31 5.33 -7.35 1.02
N PRO A 32 6.63 -7.62 0.93
CA PRO A 32 7.11 -8.95 1.19
C PRO A 32 6.67 -9.38 2.58
N LEU A 33 6.58 -8.42 3.51
CA LEU A 33 6.14 -8.74 4.86
C LEU A 33 4.63 -8.81 4.92
N VAL A 34 4.00 -7.77 4.39
CA VAL A 34 2.57 -7.68 4.37
C VAL A 34 1.96 -8.52 3.29
N ASP A 35 2.47 -8.39 2.06
CA ASP A 35 1.96 -9.20 0.98
C ASP A 35 1.83 -10.67 1.42
N GLN A 36 0.64 -11.03 1.89
CA GLN A 36 0.38 -12.39 2.38
C GLN A 36 -0.16 -13.31 1.29
N LEU A 37 0.15 -13.00 0.04
CA LEU A 37 -0.31 -13.82 -1.08
C LEU A 37 0.84 -14.11 -2.04
N GLU A 38 0.55 -14.91 -3.06
CA GLU A 38 1.56 -15.27 -4.04
C GLU A 38 1.67 -14.20 -5.13
N HIS A 39 2.90 -13.92 -5.55
CA HIS A 39 3.17 -12.90 -6.58
C HIS A 39 2.10 -12.90 -7.67
N ASP A 40 1.04 -12.12 -7.44
CA ASP A 40 -0.07 -12.00 -8.37
C ASP A 40 -1.12 -11.07 -7.78
N GLN A 41 -1.64 -11.45 -6.62
CA GLN A 41 -2.63 -10.67 -5.92
C GLN A 41 -2.02 -10.03 -4.67
N ALA A 42 -0.91 -10.62 -4.21
CA ALA A 42 -0.20 -10.12 -3.03
C ALA A 42 0.21 -8.67 -3.20
N ALA A 43 0.73 -8.36 -4.38
CA ALA A 43 1.17 -7.00 -4.69
C ALA A 43 -0.03 -6.08 -4.91
N LYS A 44 -1.10 -6.65 -5.44
CA LYS A 44 -2.29 -5.86 -5.71
C LYS A 44 -3.01 -5.45 -4.43
N VAL A 45 -3.26 -6.37 -3.52
CA VAL A 45 -3.98 -6.01 -2.29
C VAL A 45 -3.14 -5.18 -1.32
N THR A 46 -1.95 -5.68 -0.98
CA THR A 46 -1.08 -4.98 -0.03
C THR A 46 -0.49 -3.69 -0.59
N GLY A 47 0.12 -3.82 -1.75
CA GLY A 47 0.79 -2.69 -2.38
C GLY A 47 -0.12 -1.67 -3.05
N MET A 48 -1.33 -2.05 -3.49
CA MET A 48 -2.21 -1.08 -4.15
C MET A 48 -2.71 -0.05 -3.15
N LEU A 49 -3.18 -0.53 -2.02
CA LEU A 49 -3.68 0.34 -0.97
C LEU A 49 -2.57 1.25 -0.47
N LEU A 50 -1.33 0.90 -0.79
CA LEU A 50 -0.18 1.67 -0.36
C LEU A 50 -0.28 3.14 -0.79
N GLU A 51 -1.13 3.42 -1.77
CA GLU A 51 -1.32 4.79 -2.24
C GLU A 51 -2.79 5.14 -2.39
N MET A 52 -3.66 4.16 -2.17
CA MET A 52 -5.10 4.39 -2.27
C MET A 52 -5.60 5.26 -1.11
N ASP A 53 -5.65 4.67 0.08
CA ASP A 53 -6.11 5.41 1.26
C ASP A 53 -5.03 5.41 2.33
N GLN A 54 -4.84 6.56 2.99
CA GLN A 54 -3.84 6.70 4.03
C GLN A 54 -4.02 5.62 5.10
N THR A 55 -5.27 5.31 5.39
CA THR A 55 -5.61 4.28 6.37
C THR A 55 -5.28 2.90 5.83
N GLU A 56 -5.67 2.66 4.58
CA GLU A 56 -5.44 1.37 3.94
C GLU A 56 -3.95 1.15 3.66
N VAL A 57 -3.27 2.19 3.18
CA VAL A 57 -1.84 2.08 2.88
C VAL A 57 -1.07 1.65 4.12
N LEU A 58 -1.38 2.30 5.23
CA LEU A 58 -0.72 2.00 6.49
C LEU A 58 -1.06 0.58 6.96
N HIS A 59 -2.35 0.26 6.92
CA HIS A 59 -2.82 -1.05 7.35
C HIS A 59 -2.46 -2.19 6.39
N LEU A 60 -2.61 -1.96 5.09
CA LEU A 60 -2.35 -2.99 4.07
C LEU A 60 -0.88 -3.40 4.01
N LEU A 61 0.01 -2.59 4.56
CA LEU A 61 1.45 -2.90 4.55
C LEU A 61 2.01 -2.79 5.97
N GLU A 62 1.19 -3.19 6.95
CA GLU A 62 1.58 -3.15 8.35
C GLU A 62 0.78 -4.17 9.16
N SER A 63 -0.53 -4.24 8.92
CA SER A 63 -1.39 -5.16 9.65
C SER A 63 -1.96 -6.24 8.73
N PRO A 64 -2.11 -7.48 9.24
CA PRO A 64 -2.65 -8.59 8.45
C PRO A 64 -4.16 -8.45 8.24
N ASP A 65 -4.87 -8.11 9.31
CA ASP A 65 -6.32 -7.94 9.24
C ASP A 65 -6.68 -6.92 8.17
N ALA A 66 -5.75 -6.02 7.89
CA ALA A 66 -5.95 -4.98 6.90
C ALA A 66 -6.12 -5.58 5.51
N LEU A 67 -5.29 -6.58 5.22
CA LEU A 67 -5.33 -7.25 3.93
C LEU A 67 -6.58 -8.11 3.77
N LYS A 68 -7.05 -8.69 4.85
CA LYS A 68 -8.24 -9.53 4.81
C LYS A 68 -9.40 -8.75 4.19
N ALA A 69 -9.44 -7.47 4.46
CA ALA A 69 -10.49 -6.59 3.94
C ALA A 69 -10.37 -6.36 2.43
N LYS A 70 -9.17 -5.94 2.00
CA LYS A 70 -8.93 -5.63 0.60
C LYS A 70 -8.76 -6.89 -0.23
N VAL A 71 -8.20 -7.93 0.38
CA VAL A 71 -7.98 -9.17 -0.33
C VAL A 71 -9.27 -9.74 -0.90
N ALA A 72 -10.31 -9.80 -0.08
CA ALA A 72 -11.60 -10.31 -0.52
C ALA A 72 -12.12 -9.51 -1.71
N GLU A 73 -12.05 -8.17 -1.61
CA GLU A 73 -12.52 -7.30 -2.67
C GLU A 73 -11.57 -7.30 -3.88
N ALA A 74 -10.28 -7.12 -3.62
CA ALA A 74 -9.29 -7.08 -4.69
C ALA A 74 -9.15 -8.43 -5.39
N MET A 75 -9.08 -9.51 -4.61
CA MET A 75 -8.95 -10.84 -5.19
C MET A 75 -10.11 -11.17 -6.11
N GLU A 76 -11.30 -10.78 -5.72
CA GLU A 76 -12.49 -11.03 -6.53
C GLU A 76 -12.35 -10.40 -7.91
N VAL A 77 -11.96 -9.14 -7.94
CA VAL A 77 -11.78 -8.43 -9.20
C VAL A 77 -10.49 -8.83 -9.91
N LEU A 78 -9.44 -9.10 -9.14
CA LEU A 78 -8.15 -9.47 -9.71
C LEU A 78 -8.07 -10.97 -10.03
N ARG A 79 -8.13 -11.80 -8.99
CA ARG A 79 -8.03 -13.23 -9.15
C ARG A 79 -9.14 -13.79 -10.05
N SER A 80 -10.31 -13.17 -10.03
CA SER A 80 -11.42 -13.63 -10.85
C SER A 80 -11.50 -12.86 -12.17
N ALA A 81 -11.05 -11.61 -12.16
CA ALA A 81 -11.08 -10.79 -13.36
C ALA A 81 -12.49 -10.67 -13.91
N GLN A 82 -13.41 -10.20 -13.07
CA GLN A 82 -14.80 -10.04 -13.48
C GLN A 82 -14.96 -8.88 -14.47
N GLN A 83 -14.78 -7.66 -13.97
CA GLN A 83 -14.89 -6.48 -14.81
C GLN A 83 -13.53 -5.88 -15.10
N HIS A 84 -12.60 -6.02 -14.16
CA HIS A 84 -11.26 -5.50 -14.31
C HIS A 84 -10.22 -6.57 -13.99
N THR A 85 -9.35 -6.86 -14.97
CA THR A 85 -8.31 -7.86 -14.79
C THR A 85 -7.13 -7.29 -14.01
N GLY A 1 -1.90 20.53 17.95
CA GLY A 1 -2.73 19.53 17.22
C GLY A 1 -2.11 18.15 17.23
N PRO A 2 -1.13 17.90 16.35
CA PRO A 2 -0.46 16.60 16.26
C PRO A 2 0.41 16.31 17.49
N LEU A 3 0.95 15.10 17.55
CA LEU A 3 1.80 14.69 18.66
C LEU A 3 3.19 14.28 18.17
N GLY A 4 4.05 13.89 19.10
CA GLY A 4 5.39 13.48 18.74
C GLY A 4 5.51 11.98 18.52
N SER A 5 4.56 11.43 17.78
CA SER A 5 4.55 9.99 17.49
C SER A 5 5.44 9.68 16.30
N PRO A 6 6.12 8.51 16.32
CA PRO A 6 7.01 8.10 15.23
C PRO A 6 6.24 7.72 13.97
N ILE A 7 6.07 8.68 13.08
CA ILE A 7 5.36 8.45 11.82
C ILE A 7 3.93 7.99 12.08
N GLY A 8 3.07 8.16 11.09
CA GLY A 8 1.68 7.76 11.23
C GLY A 8 0.75 8.94 11.42
N ALA A 9 0.57 9.36 12.67
CA ALA A 9 -0.30 10.49 12.98
C ALA A 9 0.24 11.78 12.39
N LEU A 10 1.54 12.00 12.55
CA LEU A 10 2.17 13.21 12.02
C LEU A 10 2.17 13.20 10.50
N ALA A 11 2.48 12.04 9.92
CA ALA A 11 2.52 11.90 8.46
C ALA A 11 3.47 12.91 7.83
N SER A 12 4.52 13.26 8.57
CA SER A 12 5.51 14.21 8.09
C SER A 12 6.37 13.59 6.98
N ALA A 13 6.94 12.43 7.28
CA ALA A 13 7.79 11.72 6.32
C ALA A 13 7.00 11.34 5.07
N LEU A 14 5.70 11.07 5.25
CA LEU A 14 4.84 10.69 4.14
C LEU A 14 4.48 11.91 3.29
N ALA A 15 4.36 13.06 3.94
CA ALA A 15 4.01 14.30 3.25
C ALA A 15 5.08 14.67 2.23
N ASN A 16 6.31 14.22 2.46
CA ASN A 16 7.42 14.51 1.55
C ASN A 16 7.09 14.06 0.13
N SER A 17 7.04 12.75 -0.07
CA SER A 17 6.75 12.19 -1.39
C SER A 17 5.31 11.68 -1.46
N PRO A 18 4.74 11.62 -2.67
CA PRO A 18 3.37 11.15 -2.87
C PRO A 18 3.19 9.69 -2.46
N PRO A 19 1.93 9.26 -2.25
CA PRO A 19 1.63 7.89 -1.85
C PRO A 19 2.20 6.84 -2.81
N GLU A 20 2.27 7.19 -4.08
CA GLU A 20 2.80 6.30 -5.10
C GLU A 20 4.30 6.09 -4.91
N THR A 21 4.99 7.15 -4.53
CA THR A 21 6.44 7.07 -4.32
C THR A 21 6.74 6.11 -3.18
N GLN A 22 6.04 6.29 -2.08
CA GLN A 22 6.19 5.40 -0.95
C GLN A 22 5.65 4.04 -1.32
N ARG A 23 4.47 4.08 -1.96
CA ARG A 23 3.77 2.87 -2.36
C ARG A 23 4.71 1.69 -2.44
N MET A 24 5.38 1.55 -3.56
CA MET A 24 6.31 0.46 -3.74
C MET A 24 7.39 0.47 -2.65
N MET A 25 7.81 1.66 -2.23
CA MET A 25 8.87 1.76 -1.23
C MET A 25 8.53 1.00 0.06
N LEU A 26 7.35 1.24 0.65
CA LEU A 26 6.98 0.49 1.86
C LEU A 26 6.74 -0.95 1.49
N GLY A 27 5.95 -1.15 0.44
CA GLY A 27 5.68 -2.47 -0.03
C GLY A 27 6.97 -3.19 -0.35
N GLU A 28 7.99 -2.45 -0.75
CA GLU A 28 9.27 -3.09 -1.03
C GLU A 28 9.72 -3.85 0.20
N ASN A 29 9.63 -3.20 1.36
CA ASN A 29 10.01 -3.83 2.62
C ASN A 29 8.82 -4.50 3.30
N LEU A 30 7.70 -3.79 3.30
CA LEU A 30 6.48 -4.28 3.93
C LEU A 30 5.77 -5.32 3.04
N TYR A 31 5.71 -5.10 1.73
CA TYR A 31 5.05 -6.07 0.84
C TYR A 31 5.59 -7.44 1.12
N PRO A 32 6.90 -7.64 1.14
CA PRO A 32 7.43 -8.96 1.45
C PRO A 32 6.89 -9.42 2.79
N LEU A 33 6.67 -8.48 3.71
CA LEU A 33 6.11 -8.82 5.00
C LEU A 33 4.60 -8.99 4.89
N VAL A 34 3.97 -8.00 4.26
CA VAL A 34 2.55 -8.00 4.06
C VAL A 34 2.15 -8.94 2.95
N ASP A 35 2.82 -8.82 1.82
CA ASP A 35 2.55 -9.71 0.67
C ASP A 35 2.16 -11.10 1.15
N GLN A 36 0.87 -11.29 1.43
CA GLN A 36 0.36 -12.57 1.92
C GLN A 36 0.63 -13.72 0.97
N LEU A 37 0.23 -13.55 -0.28
CA LEU A 37 0.43 -14.60 -1.28
C LEU A 37 1.47 -14.18 -2.33
N GLU A 38 1.43 -14.83 -3.49
CA GLU A 38 2.35 -14.52 -4.56
C GLU A 38 1.99 -13.18 -5.20
N HIS A 39 3.02 -12.42 -5.55
CA HIS A 39 2.85 -11.10 -6.17
C HIS A 39 1.63 -11.03 -7.09
N ASP A 40 1.31 -12.14 -7.74
CA ASP A 40 0.16 -12.20 -8.66
C ASP A 40 -1.02 -11.39 -8.13
N GLN A 41 -1.70 -11.93 -7.12
CA GLN A 41 -2.84 -11.24 -6.53
C GLN A 41 -2.44 -10.60 -5.19
N ALA A 42 -1.38 -11.16 -4.59
CA ALA A 42 -0.89 -10.66 -3.32
C ALA A 42 -0.37 -9.23 -3.42
N ALA A 43 0.39 -8.96 -4.48
CA ALA A 43 0.94 -7.64 -4.69
C ALA A 43 -0.15 -6.62 -4.98
N LYS A 44 -1.21 -7.08 -5.62
CA LYS A 44 -2.31 -6.20 -5.97
C LYS A 44 -3.02 -5.67 -4.72
N VAL A 45 -3.37 -6.55 -3.80
CA VAL A 45 -4.08 -6.11 -2.60
C VAL A 45 -3.21 -5.33 -1.61
N THR A 46 -2.06 -5.88 -1.25
CA THR A 46 -1.21 -5.22 -0.26
C THR A 46 -0.54 -3.95 -0.73
N GLY A 47 0.18 -4.03 -1.83
CA GLY A 47 0.88 -2.86 -2.33
C GLY A 47 0.02 -1.82 -3.03
N MET A 48 -1.13 -2.20 -3.59
CA MET A 48 -1.97 -1.22 -4.29
C MET A 48 -2.47 -0.18 -3.31
N LEU A 49 -2.97 -0.65 -2.16
CA LEU A 49 -3.47 0.25 -1.13
C LEU A 49 -2.36 1.17 -0.64
N LEU A 50 -1.11 0.81 -0.93
CA LEU A 50 0.03 1.60 -0.50
C LEU A 50 -0.07 3.05 -0.97
N GLU A 51 -0.87 3.30 -2.01
CA GLU A 51 -1.06 4.66 -2.53
C GLU A 51 -2.53 4.99 -2.71
N MET A 52 -3.40 3.99 -2.57
CA MET A 52 -4.84 4.20 -2.72
C MET A 52 -5.37 5.05 -1.56
N ASP A 53 -5.32 4.51 -0.35
CA ASP A 53 -5.79 5.22 0.84
C ASP A 53 -4.71 5.27 1.91
N GLN A 54 -4.57 6.43 2.54
CA GLN A 54 -3.58 6.61 3.60
C GLN A 54 -3.81 5.63 4.73
N THR A 55 -5.07 5.37 5.01
CA THR A 55 -5.45 4.42 6.06
C THR A 55 -5.14 3.00 5.63
N GLU A 56 -5.48 2.68 4.38
CA GLU A 56 -5.24 1.35 3.83
C GLU A 56 -3.76 1.08 3.67
N VAL A 57 -3.02 2.05 3.13
CA VAL A 57 -1.58 1.90 2.94
C VAL A 57 -0.90 1.57 4.26
N LEU A 58 -1.25 2.33 5.29
CA LEU A 58 -0.68 2.14 6.60
C LEU A 58 -1.07 0.77 7.17
N HIS A 59 -2.34 0.44 7.05
CA HIS A 59 -2.88 -0.83 7.56
C HIS A 59 -2.42 -2.05 6.75
N LEU A 60 -2.47 -1.94 5.42
CA LEU A 60 -2.13 -3.08 4.57
C LEU A 60 -0.66 -3.49 4.64
N LEU A 61 0.26 -2.53 4.62
CA LEU A 61 1.69 -2.86 4.68
C LEU A 61 2.20 -2.77 6.12
N GLU A 62 1.36 -3.19 7.07
CA GLU A 62 1.73 -3.16 8.48
C GLU A 62 0.95 -4.20 9.29
N SER A 63 -0.36 -4.27 9.08
CA SER A 63 -1.19 -5.22 9.81
C SER A 63 -1.77 -6.30 8.91
N PRO A 64 -2.02 -7.50 9.45
CA PRO A 64 -2.58 -8.62 8.69
C PRO A 64 -4.08 -8.46 8.44
N ASP A 65 -4.80 -8.04 9.48
CA ASP A 65 -6.24 -7.82 9.38
C ASP A 65 -6.56 -6.90 8.20
N ALA A 66 -5.59 -6.05 7.89
CA ALA A 66 -5.74 -5.10 6.79
C ALA A 66 -5.88 -5.82 5.46
N LEU A 67 -5.18 -6.95 5.34
CA LEU A 67 -5.21 -7.75 4.13
C LEU A 67 -6.60 -8.30 3.83
N LYS A 68 -7.26 -8.83 4.85
CA LYS A 68 -8.59 -9.41 4.70
C LYS A 68 -9.58 -8.44 4.06
N ALA A 69 -9.44 -7.16 4.39
CA ALA A 69 -10.35 -6.14 3.89
C ALA A 69 -10.22 -5.90 2.38
N LYS A 70 -9.00 -5.67 1.93
CA LYS A 70 -8.75 -5.40 0.52
C LYS A 70 -8.72 -6.67 -0.30
N VAL A 71 -8.21 -7.74 0.29
CA VAL A 71 -8.12 -9.01 -0.40
C VAL A 71 -9.48 -9.53 -0.84
N ALA A 72 -10.44 -9.54 0.07
CA ALA A 72 -11.77 -10.03 -0.27
C ALA A 72 -12.36 -9.25 -1.45
N GLU A 73 -12.25 -7.93 -1.40
CA GLU A 73 -12.77 -7.09 -2.47
C GLU A 73 -11.88 -7.13 -3.72
N ALA A 74 -10.57 -6.91 -3.52
CA ALA A 74 -9.62 -6.88 -4.62
C ALA A 74 -9.39 -8.25 -5.27
N MET A 75 -9.06 -9.25 -4.47
CA MET A 75 -8.79 -10.59 -5.01
C MET A 75 -9.98 -11.15 -5.78
N GLU A 76 -11.18 -10.92 -5.26
CA GLU A 76 -12.39 -11.42 -5.90
C GLU A 76 -12.57 -10.87 -7.30
N VAL A 77 -12.33 -9.57 -7.46
CA VAL A 77 -12.48 -8.91 -8.75
C VAL A 77 -11.34 -9.23 -9.71
N LEU A 78 -10.12 -9.37 -9.19
CA LEU A 78 -8.97 -9.65 -10.03
C LEU A 78 -8.81 -11.14 -10.32
N ARG A 79 -9.45 -11.98 -9.50
CA ARG A 79 -9.39 -13.40 -9.68
C ARG A 79 -10.21 -13.85 -10.89
N SER A 80 -11.41 -13.28 -11.01
CA SER A 80 -12.30 -13.62 -12.13
C SER A 80 -13.41 -12.58 -12.27
N ALA A 81 -13.69 -12.21 -13.52
CA ALA A 81 -14.74 -11.24 -13.81
C ALA A 81 -14.60 -9.99 -12.94
N GLN A 82 -15.63 -9.16 -12.94
CA GLN A 82 -15.63 -7.93 -12.17
C GLN A 82 -16.54 -8.07 -10.94
N GLN A 83 -16.34 -7.20 -9.95
CA GLN A 83 -17.14 -7.23 -8.73
C GLN A 83 -18.60 -6.93 -9.05
N HIS A 84 -19.43 -7.97 -9.07
CA HIS A 84 -20.85 -7.82 -9.35
C HIS A 84 -21.07 -7.20 -10.72
N THR A 85 -21.33 -8.05 -11.72
CA THR A 85 -21.56 -7.59 -13.08
C THR A 85 -20.34 -6.84 -13.61
#